data_4P5F
#
_entry.id   4P5F
#
_cell.length_a   47.999
_cell.length_b   73.808
_cell.length_c   201.943
_cell.angle_alpha   90.000
_cell.angle_beta   90.000
_cell.angle_gamma   90.000
#
_symmetry.space_group_name_H-M   'P 21 21 21'
#
loop_
_entity.id
_entity.type
_entity.pdbx_description
1 polymer 'Inosine-uridine nucleoside N-ribohydrolase'
2 non-polymer 'CALCIUM ION'
3 non-polymer '[(2R,3S,4R,5R)-5-(6-AMINOPURIN-9-YL)-3,4-DIHYDROXY-OXOLAN-2-YL]METHYL [HYDROXY-[[(2R,3S,4R,5S)-3,4,5-TRIHYDROXYOXOLAN-2-YL]METHOXY]PHOSPHORYL] HYDROGEN PHOSPHATE'
4 water water
#
_entity_poly.entity_id   1
_entity_poly.type   'polypeptide(L)'
_entity_poly.pdbx_seq_one_letter_code
;GHMDTPVLTPTEAAVLRELRLHRPQLPLDTLLFTDPNKDPDDVVTYTIAKQLQADGFLRLTDVVVTLGDADMRSQRAQLA
KGVFDRLALPDVRVARGQDYPMTSTQAREHSKFLAEGAALRAAPDAVHTDGVRAMCERLATSPHKLGMVVIAGMTDASAL
LAEAGDLVREKVASITIMGGIDPARDADGLVQPDTRAYNNATDIHAARALYRRAQQLGIPLRILTKEAAYKAAVPPAFYE
GIARNGHPVGEYLRDVQKNALKGLWEGIQANLIPGLDTAWFFRTFVAAQPQDPVAADQQGALSFDAIWPQVTKLNLYDPL
TLLAALPGTARLLFQPTPMHREGASPVEHVGHAEVVRPEKARLLLSALAKAALVQQDEGEHAR
;
_entity_poly.pdbx_strand_id   A,B
#
# COMPACT_ATOMS: atom_id res chain seq x y z
N LEU A 8 6.18 -24.03 13.96
CA LEU A 8 7.09 -23.67 15.05
C LEU A 8 7.55 -24.88 15.89
N THR A 9 8.54 -24.66 16.74
CA THR A 9 8.93 -25.68 17.73
C THR A 9 8.45 -25.21 19.10
N PRO A 10 8.35 -26.13 20.07
CA PRO A 10 7.88 -25.77 21.42
C PRO A 10 8.59 -24.58 22.07
N THR A 11 9.91 -24.57 22.10
CA THR A 11 10.59 -23.44 22.74
C THR A 11 10.43 -22.17 21.89
N GLU A 12 10.23 -22.34 20.60
CA GLU A 12 9.97 -21.22 19.69
C GLU A 12 8.57 -20.63 19.93
N ALA A 13 7.76 -21.32 20.73
CA ALA A 13 6.41 -20.85 21.03
C ALA A 13 6.42 -20.06 22.33
N ALA A 14 7.12 -20.60 23.32
CA ALA A 14 7.15 -20.02 24.65
C ALA A 14 7.76 -18.62 24.66
N VAL A 15 8.78 -18.40 23.83
CA VAL A 15 9.38 -17.07 23.76
C VAL A 15 8.40 -16.10 23.10
N LEU A 16 7.67 -16.59 22.09
CA LEU A 16 6.69 -15.78 21.38
C LEU A 16 5.54 -15.45 22.31
N ARG A 17 4.96 -16.50 22.88
CA ARG A 17 3.95 -16.37 23.93
C ARG A 17 4.38 -15.33 24.94
N GLU A 18 5.63 -15.43 25.40
CA GLU A 18 6.19 -14.47 26.33
C GLU A 18 6.24 -13.04 25.78
N LEU A 19 6.63 -12.90 24.52
CA LEU A 19 6.70 -11.59 23.89
C LEU A 19 5.31 -10.97 23.86
N ARG A 20 4.31 -11.80 23.59
CA ARG A 20 2.94 -11.33 23.44
C ARG A 20 2.37 -10.74 24.74
N LEU A 21 3.03 -11.03 25.86
CA LEU A 21 2.68 -10.44 27.15
C LEU A 21 3.00 -8.96 27.20
N HIS A 22 3.87 -8.51 26.30
CA HIS A 22 4.42 -7.15 26.37
C HIS A 22 3.96 -6.29 25.21
N ARG A 23 2.84 -6.68 24.59
CA ARG A 23 2.25 -5.95 23.48
C ARG A 23 1.91 -4.52 23.88
N PRO A 24 2.27 -3.52 23.04
CA PRO A 24 1.92 -2.16 23.45
C PRO A 24 0.42 -1.92 23.23
N GLN A 25 -0.10 -0.82 23.78
CA GLN A 25 -1.50 -0.46 23.63
C GLN A 25 -1.86 -0.21 22.16
N LEU A 26 -0.97 0.48 21.46
CA LEU A 26 -1.09 0.71 20.03
C LEU A 26 0.23 0.31 19.36
N PRO A 27 0.16 -0.31 18.16
CA PRO A 27 1.38 -0.61 17.39
C PRO A 27 2.15 0.67 17.09
N LEU A 28 3.48 0.63 17.14
CA LEU A 28 4.26 1.83 16.83
C LEU A 28 4.45 1.98 15.32
N ASP A 29 3.93 3.07 14.75
CA ASP A 29 4.18 3.38 13.35
C ASP A 29 5.68 3.61 13.12
N THR A 30 6.23 2.94 12.12
CA THR A 30 7.67 2.81 11.97
C THR A 30 8.15 3.30 10.60
N LEU A 31 9.19 4.13 10.63
CA LEU A 31 9.87 4.65 9.46
C LEU A 31 11.23 3.96 9.32
N LEU A 32 11.44 3.26 8.20
CA LEU A 32 12.58 2.38 8.03
C LEU A 32 13.53 2.88 6.95
N PHE A 33 14.82 2.92 7.26
CA PHE A 33 15.84 3.36 6.31
C PHE A 33 16.78 2.19 6.06
N THR A 34 16.86 1.76 4.79
CA THR A 34 17.35 0.42 4.50
C THR A 34 18.06 0.31 3.14
N ASP A 35 18.94 -0.67 3.00
CA ASP A 35 19.71 -0.86 1.77
C ASP A 35 19.76 -2.35 1.37
N PRO A 36 18.60 -2.91 0.95
CA PRO A 36 18.52 -4.38 0.79
C PRO A 36 19.25 -4.94 -0.43
N ASN A 37 19.50 -6.24 -0.37
CA ASN A 37 20.01 -7.02 -1.51
C ASN A 37 21.49 -6.81 -1.83
N LYS A 38 22.28 -6.50 -0.80
CA LYS A 38 23.71 -6.71 -0.85
C LYS A 38 24.15 -7.71 0.22
N ASP A 39 23.22 -8.09 1.09
CA ASP A 39 23.41 -9.18 2.05
C ASP A 39 22.01 -9.60 2.54
N PRO A 40 21.89 -10.61 3.43
CA PRO A 40 20.53 -11.00 3.85
C PRO A 40 19.85 -10.06 4.86
N ASP A 41 20.66 -9.27 5.56
CA ASP A 41 20.23 -8.59 6.78
C ASP A 41 18.91 -7.82 6.71
N ASP A 42 18.80 -6.92 5.73
CA ASP A 42 17.62 -6.07 5.60
C ASP A 42 16.34 -6.87 5.32
N VAL A 43 16.44 -7.90 4.50
CA VAL A 43 15.24 -8.66 4.16
C VAL A 43 14.83 -9.54 5.34
N VAL A 44 15.80 -9.97 6.16
CA VAL A 44 15.44 -10.71 7.39
C VAL A 44 14.63 -9.80 8.29
N THR A 45 15.03 -8.53 8.35
CA THR A 45 14.34 -7.51 9.13
C THR A 45 12.91 -7.27 8.64
N TYR A 46 12.71 -7.18 7.33
CA TYR A 46 11.37 -7.05 6.78
C TYR A 46 10.53 -8.27 7.18
N THR A 47 11.17 -9.44 7.18
CA THR A 47 10.49 -10.69 7.53
C THR A 47 10.04 -10.69 9.00
N ILE A 48 10.91 -10.38 9.94
CA ILE A 48 10.48 -10.38 11.34
C ILE A 48 9.51 -9.23 11.63
N ALA A 49 9.66 -8.12 10.90
CA ALA A 49 8.73 -7.00 11.00
C ALA A 49 7.30 -7.42 10.64
N LYS A 50 7.16 -8.26 9.62
CA LYS A 50 5.85 -8.84 9.27
C LYS A 50 5.16 -9.46 10.50
N GLN A 51 5.89 -10.27 11.26
CA GLN A 51 5.26 -10.93 12.41
C GLN A 51 5.04 -9.95 13.55
N LEU A 52 6.01 -9.06 13.76
CA LEU A 52 5.85 -8.01 14.77
C LEU A 52 4.66 -7.09 14.44
N GLN A 53 4.34 -6.95 13.16
CA GLN A 53 3.16 -6.16 12.76
C GLN A 53 1.88 -6.94 13.00
N ALA A 54 1.91 -8.22 12.64
CA ALA A 54 0.83 -9.16 12.94
C ALA A 54 0.45 -9.18 14.43
N ASP A 55 1.46 -9.12 15.29
CA ASP A 55 1.22 -9.15 16.73
C ASP A 55 1.06 -7.76 17.37
N GLY A 56 0.95 -6.73 16.54
CA GLY A 56 0.65 -5.40 17.05
C GLY A 56 1.74 -4.64 17.77
N PHE A 57 3.00 -4.92 17.46
CA PHE A 57 4.09 -4.14 18.03
C PHE A 57 4.44 -2.92 17.19
N LEU A 58 4.31 -3.07 15.88
CA LEU A 58 4.68 -2.00 14.98
C LEU A 58 3.73 -2.02 13.80
N ARG A 59 3.76 -0.94 13.04
CA ARG A 59 3.18 -0.93 11.72
C ARG A 59 4.20 -0.21 10.83
N LEU A 60 4.63 -0.89 9.79
CA LEU A 60 5.67 -0.37 8.91
C LEU A 60 5.01 0.43 7.80
N THR A 61 5.02 1.74 7.95
CA THR A 61 4.28 2.63 7.08
C THR A 61 5.10 3.06 5.87
N ASP A 62 6.37 3.36 6.10
CA ASP A 62 7.22 3.98 5.08
C ASP A 62 8.64 3.44 5.11
N VAL A 63 9.19 3.26 3.92
CA VAL A 63 10.52 2.69 3.78
C VAL A 63 11.24 3.49 2.74
N VAL A 64 12.38 4.07 3.12
CA VAL A 64 13.19 4.83 2.18
C VAL A 64 14.54 4.12 1.99
N VAL A 65 14.89 3.95 0.72
CA VAL A 65 15.94 3.03 0.35
C VAL A 65 17.17 3.78 -0.15
N THR A 66 18.35 3.38 0.33
CA THR A 66 19.60 3.99 -0.04
C THR A 66 20.62 2.96 -0.57
N LEU A 67 21.84 3.46 -0.80
CA LEU A 67 23.02 2.68 -1.25
C LEU A 67 23.06 2.48 -2.78
N GLY A 68 23.89 3.29 -3.43
CA GLY A 68 24.03 3.26 -4.88
C GLY A 68 23.54 4.55 -5.51
N ASP A 69 23.64 4.63 -6.83
CA ASP A 69 23.11 5.78 -7.55
C ASP A 69 21.60 5.70 -7.63
N ALA A 70 20.99 6.67 -8.29
CA ALA A 70 19.54 6.78 -8.33
C ALA A 70 18.87 5.51 -8.87
N ASP A 71 19.42 4.94 -9.95
CA ASP A 71 18.80 3.75 -10.53
C ASP A 71 19.06 2.52 -9.67
N MET A 72 20.22 2.43 -9.05
CA MET A 72 20.50 1.31 -8.17
C MET A 72 19.54 1.33 -6.98
N ARG A 73 19.30 2.53 -6.45
CA ARG A 73 18.42 2.67 -5.29
C ARG A 73 17.00 2.28 -5.68
N SER A 74 16.63 2.58 -6.92
CA SER A 74 15.32 2.17 -7.39
C SER A 74 15.24 0.65 -7.51
N GLN A 75 16.32 0.00 -7.93
CA GLN A 75 16.35 -1.47 -7.97
C GLN A 75 16.20 -2.08 -6.58
N ARG A 76 16.90 -1.49 -5.60
CA ARG A 76 16.78 -1.94 -4.22
C ARG A 76 15.36 -1.70 -3.71
N ALA A 77 14.79 -0.55 -4.09
CA ALA A 77 13.42 -0.22 -3.74
C ALA A 77 12.42 -1.22 -4.35
N GLN A 78 12.63 -1.59 -5.60
CA GLN A 78 11.74 -2.55 -6.27
C GLN A 78 11.81 -3.92 -5.59
N LEU A 79 13.04 -4.33 -5.24
CA LEU A 79 13.28 -5.56 -4.49
C LEU A 79 12.55 -5.52 -3.15
N ALA A 80 12.75 -4.43 -2.41
CA ALA A 80 12.09 -4.28 -1.12
C ALA A 80 10.58 -4.42 -1.28
N LYS A 81 10.03 -3.68 -2.24
CA LYS A 81 8.60 -3.72 -2.55
C LYS A 81 8.14 -5.15 -2.82
N GLY A 82 8.83 -5.83 -3.74
CA GLY A 82 8.55 -7.22 -4.05
C GLY A 82 8.51 -8.14 -2.84
N VAL A 83 9.44 -7.96 -1.89
CA VAL A 83 9.46 -8.72 -0.64
C VAL A 83 8.26 -8.41 0.25
N PHE A 84 7.99 -7.12 0.46
CA PHE A 84 6.79 -6.72 1.23
C PHE A 84 5.52 -7.32 0.61
N ASP A 85 5.43 -7.30 -0.72
CA ASP A 85 4.27 -7.87 -1.41
C ASP A 85 4.14 -9.36 -1.05
N ARG A 86 5.25 -10.08 -1.10
CA ARG A 86 5.25 -11.51 -0.81
C ARG A 86 5.12 -11.83 0.69
N LEU A 87 5.27 -10.83 1.55
CA LEU A 87 5.03 -11.00 2.97
C LEU A 87 3.62 -10.60 3.37
N ALA A 88 2.75 -10.32 2.38
CA ALA A 88 1.43 -9.80 2.67
C ALA A 88 1.50 -8.50 3.45
N LEU A 89 2.38 -7.61 3.02
CA LEU A 89 2.49 -6.26 3.61
C LEU A 89 2.24 -5.23 2.49
N PRO A 90 1.02 -5.22 1.92
CA PRO A 90 0.85 -4.47 0.68
C PRO A 90 0.82 -2.95 0.86
N ASP A 91 0.64 -2.46 2.08
CA ASP A 91 0.42 -1.03 2.32
C ASP A 91 1.72 -0.24 2.50
N VAL A 92 2.84 -0.93 2.63
CA VAL A 92 4.11 -0.28 2.90
C VAL A 92 4.47 0.62 1.72
N ARG A 93 4.74 1.90 1.98
CA ARG A 93 5.09 2.80 0.88
C ARG A 93 6.60 2.91 0.76
N VAL A 94 7.12 2.41 -0.35
CA VAL A 94 8.55 2.36 -0.57
C VAL A 94 8.98 3.47 -1.53
N ALA A 95 10.06 4.18 -1.19
CA ALA A 95 10.61 5.22 -2.05
C ALA A 95 12.13 5.13 -2.06
N ARG A 96 12.74 5.46 -3.20
CA ARG A 96 14.19 5.56 -3.27
C ARG A 96 14.70 6.84 -2.61
N GLY A 97 15.85 6.76 -1.94
CA GLY A 97 16.44 7.91 -1.29
C GLY A 97 17.08 8.88 -2.29
N GLN A 98 17.69 9.93 -1.77
CA GLN A 98 18.28 10.99 -2.60
C GLN A 98 19.76 10.70 -2.86
N ASP A 99 20.36 11.42 -3.80
CA ASP A 99 21.78 11.28 -4.10
C ASP A 99 22.64 11.66 -2.89
N TYR A 100 23.82 11.07 -2.81
CA TYR A 100 24.79 11.37 -1.75
C TYR A 100 26.20 11.27 -2.37
N PRO A 101 27.22 11.82 -1.71
CA PRO A 101 28.56 11.84 -2.34
C PRO A 101 29.12 10.45 -2.61
N MET A 102 29.62 10.25 -3.83
CA MET A 102 30.22 8.97 -4.17
C MET A 102 31.49 9.14 -4.97
N THR A 103 32.58 8.57 -4.47
CA THR A 103 33.79 8.41 -5.28
C THR A 103 33.54 7.39 -6.39
N SER A 104 34.50 7.24 -7.29
CA SER A 104 34.43 6.18 -8.28
C SER A 104 34.49 4.83 -7.56
N THR A 105 35.28 4.76 -6.48
CA THR A 105 35.41 3.54 -5.69
C THR A 105 34.06 3.16 -5.05
N GLN A 106 33.43 4.14 -4.41
CA GLN A 106 32.12 3.93 -3.78
C GLN A 106 31.06 3.54 -4.81
N ALA A 107 31.08 4.20 -5.96
CA ALA A 107 30.18 3.85 -7.06
C ALA A 107 30.31 2.39 -7.45
N ARG A 108 31.51 1.82 -7.38
CA ARG A 108 31.66 0.39 -7.60
C ARG A 108 31.05 -0.37 -6.44
N GLU A 109 31.55 -0.11 -5.24
CA GLU A 109 31.18 -0.90 -4.07
C GLU A 109 29.73 -0.79 -3.67
N HIS A 110 29.18 0.42 -3.73
CA HIS A 110 27.79 0.63 -3.34
C HIS A 110 26.78 0.08 -4.35
N SER A 111 27.26 -0.53 -5.43
CA SER A 111 26.35 -1.00 -6.46
C SER A 111 26.17 -2.52 -6.40
N LYS A 112 26.67 -3.13 -5.33
CA LYS A 112 26.53 -4.58 -5.16
C LYS A 112 25.05 -4.95 -5.05
N PHE A 113 24.59 -5.85 -5.91
CA PHE A 113 23.18 -6.17 -6.00
C PHE A 113 23.11 -7.65 -6.33
N LEU A 114 22.72 -8.47 -5.36
CA LEU A 114 22.71 -9.92 -5.52
C LEU A 114 21.72 -10.42 -6.59
N ALA A 115 22.18 -11.38 -7.39
CA ALA A 115 21.41 -11.91 -8.51
C ALA A 115 20.11 -12.53 -8.02
N GLU A 116 20.17 -13.06 -6.80
CA GLU A 116 19.02 -13.70 -6.19
C GLU A 116 17.81 -12.76 -6.08
N GLY A 117 18.07 -11.46 -6.03
CA GLY A 117 17.01 -10.49 -5.79
C GLY A 117 16.33 -10.05 -7.07
N ALA A 118 16.98 -10.26 -8.21
CA ALA A 118 16.51 -9.74 -9.49
C ALA A 118 15.07 -10.15 -9.79
N ALA A 119 14.72 -11.40 -9.50
CA ALA A 119 13.41 -11.91 -9.86
C ALA A 119 12.35 -11.51 -8.86
N LEU A 120 12.78 -11.01 -7.71
CA LEU A 120 11.82 -10.53 -6.73
C LEU A 120 11.44 -9.05 -6.95
N ARG A 121 12.17 -8.37 -7.83
CA ARG A 121 11.93 -6.94 -8.08
C ARG A 121 10.48 -6.68 -8.45
N ALA A 122 9.85 -5.75 -7.76
CA ALA A 122 8.53 -5.28 -8.15
C ALA A 122 8.68 -4.39 -9.38
N ALA A 123 7.55 -4.01 -9.98
CA ALA A 123 7.57 -3.08 -11.12
C ALA A 123 8.07 -1.69 -10.68
N PRO A 124 8.78 -0.98 -11.58
CA PRO A 124 9.26 0.37 -11.23
C PRO A 124 8.14 1.33 -10.78
N ASP A 125 6.93 1.17 -11.31
CA ASP A 125 5.84 2.04 -10.92
C ASP A 125 5.25 1.70 -9.56
N ALA A 126 5.66 0.58 -8.97
CA ALA A 126 5.19 0.22 -7.65
C ALA A 126 5.92 0.99 -6.54
N VAL A 127 7.04 1.62 -6.87
CA VAL A 127 7.80 2.36 -5.89
C VAL A 127 7.95 3.83 -6.27
N HIS A 128 8.32 4.67 -5.31
CA HIS A 128 8.30 6.12 -5.54
C HIS A 128 9.70 6.68 -5.63
N THR A 129 9.83 7.92 -6.10
CA THR A 129 11.15 8.49 -6.36
C THR A 129 11.45 9.70 -5.50
N ASP A 130 10.50 10.06 -4.62
CA ASP A 130 10.63 11.32 -3.89
C ASP A 130 11.08 11.15 -2.43
N GLY A 131 11.89 10.12 -2.16
CA GLY A 131 12.54 9.96 -0.87
C GLY A 131 11.65 10.08 0.36
N VAL A 132 12.00 11.03 1.23
CA VAL A 132 11.36 11.19 2.53
C VAL A 132 10.11 12.09 2.56
N ARG A 133 9.60 12.47 1.39
CA ARG A 133 8.44 13.36 1.34
C ARG A 133 7.23 12.79 2.08
N ALA A 134 6.92 11.53 1.81
CA ALA A 134 5.75 10.91 2.42
C ALA A 134 5.98 10.80 3.93
N MET A 135 7.21 10.54 4.33
CA MET A 135 7.55 10.45 5.76
C MET A 135 7.26 11.80 6.42
N CYS A 136 7.61 12.88 5.74
CA CYS A 136 7.40 14.20 6.29
CA CYS A 136 7.39 14.23 6.26
C CYS A 136 5.90 14.47 6.44
N GLU A 137 5.13 14.11 5.41
CA GLU A 137 3.69 14.28 5.45
C GLU A 137 3.08 13.44 6.56
N ARG A 138 3.62 12.25 6.78
CA ARG A 138 3.13 11.41 7.85
C ARG A 138 3.40 12.04 9.22
N LEU A 139 4.60 12.60 9.39
CA LEU A 139 4.96 13.22 10.66
C LEU A 139 4.03 14.38 11.02
N ALA A 140 3.60 15.13 10.00
CA ALA A 140 2.68 16.26 10.20
C ALA A 140 1.28 15.84 10.65
N THR A 141 0.85 14.66 10.24
CA THR A 141 -0.54 14.25 10.45
C THR A 141 -0.73 13.12 11.48
N SER A 142 0.36 12.54 12.00
CA SER A 142 0.23 11.42 12.94
C SER A 142 -0.26 11.83 14.33
N PRO A 143 -1.27 11.09 14.85
CA PRO A 143 -1.80 11.29 16.20
C PRO A 143 -0.84 10.87 17.32
N HIS A 144 0.16 10.04 16.99
CA HIS A 144 1.10 9.58 18.01
C HIS A 144 2.53 9.62 17.47
N LYS A 145 3.49 9.37 18.35
CA LYS A 145 4.89 9.43 17.98
C LYS A 145 5.29 8.19 17.18
N LEU A 146 6.23 8.37 16.25
CA LEU A 146 6.70 7.29 15.41
C LEU A 146 8.12 6.91 15.81
N GLY A 147 8.54 5.69 15.48
CA GLY A 147 9.93 5.32 15.60
C GLY A 147 10.66 5.42 14.28
N MET A 148 11.92 5.81 14.30
CA MET A 148 12.78 5.76 13.14
C MET A 148 13.80 4.64 13.35
N VAL A 149 13.88 3.73 12.39
CA VAL A 149 14.87 2.66 12.47
C VAL A 149 15.80 2.79 11.28
N VAL A 150 17.09 2.89 11.58
CA VAL A 150 18.10 3.08 10.55
C VAL A 150 18.98 1.85 10.45
N ILE A 151 18.86 1.12 9.34
CA ILE A 151 19.67 -0.07 9.11
C ILE A 151 20.51 0.05 7.81
N ALA A 152 20.93 1.26 7.49
CA ALA A 152 21.67 1.54 6.25
C ALA A 152 22.33 2.89 6.39
N GLY A 153 23.02 3.34 5.33
CA GLY A 153 23.59 4.67 5.28
C GLY A 153 22.55 5.72 5.69
N MET A 154 23.01 6.87 6.16
CA MET A 154 22.09 7.82 6.82
C MET A 154 21.69 9.07 6.03
N THR A 155 21.91 9.02 4.72
CA THR A 155 21.60 10.14 3.83
C THR A 155 20.16 10.66 4.02
N ASP A 156 19.21 9.75 4.02
CA ASP A 156 17.80 10.13 4.02
C ASP A 156 17.31 10.40 5.44
N ALA A 157 17.80 9.62 6.39
CA ALA A 157 17.43 9.86 7.80
C ALA A 157 17.89 11.25 8.22
N SER A 158 19.09 11.62 7.79
CA SER A 158 19.64 12.95 8.07
C SER A 158 18.84 14.04 7.37
N ALA A 159 18.48 13.80 6.10
CA ALA A 159 17.69 14.76 5.35
C ALA A 159 16.34 14.98 6.03
N LEU A 160 15.76 13.90 6.56
CA LEU A 160 14.47 14.01 7.24
C LEU A 160 14.57 14.98 8.43
N LEU A 161 15.64 14.83 9.24
CA LEU A 161 15.86 15.76 10.35
C LEU A 161 16.17 17.17 9.86
N ALA A 162 16.90 17.28 8.76
CA ALA A 162 17.21 18.60 8.22
C ALA A 162 15.93 19.31 7.74
N GLU A 163 15.08 18.59 7.02
CA GLU A 163 13.85 19.15 6.44
C GLU A 163 12.74 19.32 7.45
N ALA A 164 12.70 18.44 8.43
CA ALA A 164 11.51 18.37 9.26
C ALA A 164 11.86 18.33 10.73
N GLY A 165 12.97 18.98 11.08
CA GLY A 165 13.46 19.02 12.43
C GLY A 165 12.38 19.43 13.42
N ASP A 166 11.57 20.40 13.02
CA ASP A 166 10.45 20.85 13.85
C ASP A 166 9.50 19.69 14.16
N LEU A 167 9.09 18.96 13.12
CA LEU A 167 8.21 17.83 13.30
C LEU A 167 8.89 16.70 14.06
N VAL A 168 10.16 16.42 13.74
CA VAL A 168 10.85 15.27 14.34
C VAL A 168 10.95 15.43 15.85
N ARG A 169 11.27 16.65 16.27
CA ARG A 169 11.32 16.97 17.68
C ARG A 169 10.06 16.54 18.42
N GLU A 170 8.90 16.80 17.81
CA GLU A 170 7.62 16.56 18.50
C GLU A 170 7.02 15.19 18.21
N LYS A 171 7.39 14.59 17.08
CA LYS A 171 6.68 13.42 16.57
C LYS A 171 7.50 12.14 16.46
N VAL A 172 8.77 12.18 16.82
CA VAL A 172 9.57 10.96 16.79
C VAL A 172 9.98 10.56 18.20
N ALA A 173 9.67 9.32 18.57
CA ALA A 173 9.96 8.83 19.92
C ALA A 173 11.44 8.47 20.09
N SER A 174 12.04 7.96 19.02
CA SER A 174 13.43 7.52 19.10
C SER A 174 13.97 7.24 17.72
N ILE A 175 15.29 7.28 17.61
CA ILE A 175 16.01 6.88 16.42
C ILE A 175 16.94 5.75 16.85
N THR A 176 16.67 4.55 16.32
CA THR A 176 17.49 3.37 16.62
C THR A 176 18.28 3.03 15.36
N ILE A 177 19.58 2.83 15.53
CA ILE A 177 20.53 2.80 14.42
C ILE A 177 21.47 1.60 14.53
N MET A 178 21.64 0.88 13.43
CA MET A 178 22.69 -0.14 13.36
C MET A 178 23.93 0.59 12.88
N GLY A 179 24.79 0.97 13.83
CA GLY A 179 25.90 1.84 13.52
C GLY A 179 27.15 1.58 14.35
N GLY A 180 27.85 2.66 14.68
CA GLY A 180 29.13 2.58 15.37
C GLY A 180 29.40 3.86 16.15
N ILE A 181 30.06 3.73 17.29
CA ILE A 181 30.32 4.88 18.15
C ILE A 181 31.81 5.15 18.23
N ASP A 182 32.23 6.33 17.80
CA ASP A 182 33.60 6.76 18.00
C ASP A 182 33.81 6.81 19.52
N PRO A 183 34.82 6.08 20.04
CA PRO A 183 35.19 6.18 21.46
C PRO A 183 35.45 7.63 21.85
N ALA A 184 35.73 8.48 20.87
CA ALA A 184 35.94 9.91 21.14
C ALA A 184 34.66 10.69 20.95
N ARG A 185 34.24 11.45 21.97
CA ARG A 185 33.10 12.36 21.82
C ARG A 185 33.53 13.58 21.02
N ASP A 186 32.56 14.34 20.51
CA ASP A 186 32.92 15.58 19.82
C ASP A 186 33.24 16.66 20.84
N ALA A 187 33.44 17.88 20.37
CA ALA A 187 33.86 18.99 21.21
C ALA A 187 32.89 19.22 22.37
N ASP A 188 31.61 19.00 22.12
CA ASP A 188 30.56 19.27 23.09
C ASP A 188 30.18 18.02 23.86
N GLY A 189 30.97 16.97 23.72
CA GLY A 189 30.70 15.73 24.43
C GLY A 189 29.56 14.95 23.81
N LEU A 190 29.11 15.37 22.62
CA LEU A 190 28.09 14.60 21.89
C LEU A 190 28.68 13.31 21.36
N VAL A 191 27.89 12.24 21.36
CA VAL A 191 28.32 11.01 20.72
C VAL A 191 28.43 11.27 19.22
N GLN A 192 29.37 10.61 18.56
CA GLN A 192 29.57 10.78 17.13
C GLN A 192 29.87 9.43 16.49
N PRO A 193 29.61 9.30 15.17
CA PRO A 193 29.79 8.00 14.51
C PRO A 193 31.24 7.60 14.35
N ASP A 194 31.43 6.29 14.33
CA ASP A 194 32.67 5.63 14.01
C ASP A 194 32.80 5.63 12.50
N THR A 195 33.97 5.98 11.97
CA THR A 195 34.17 5.96 10.52
C THR A 195 34.25 4.55 9.96
N ARG A 196 34.46 3.58 10.85
CA ARG A 196 34.70 2.20 10.45
C ARG A 196 33.43 1.34 10.32
N ALA A 197 32.30 1.78 10.88
CA ALA A 197 31.09 0.98 10.82
C ALA A 197 30.39 1.16 9.48
N TYR A 198 30.07 0.05 8.81
CA TYR A 198 29.52 0.08 7.44
C TYR A 198 28.43 1.15 7.21
N ASN A 199 27.41 1.19 8.05
CA ASN A 199 26.34 2.14 7.82
C ASN A 199 26.76 3.59 7.98
N ASN A 200 27.70 3.85 8.89
CA ASN A 200 28.28 5.17 9.02
C ASN A 200 29.08 5.55 7.76
N ALA A 201 29.93 4.63 7.29
CA ALA A 201 30.83 4.93 6.17
C ALA A 201 30.14 5.12 4.80
N THR A 202 28.90 4.63 4.65
CA THR A 202 28.17 4.84 3.40
C THR A 202 28.11 6.34 3.02
N ASP A 203 27.73 7.14 4.00
CA ASP A 203 27.71 8.60 3.86
C ASP A 203 28.10 9.17 5.23
N ILE A 204 29.40 9.34 5.46
CA ILE A 204 29.89 9.65 6.81
C ILE A 204 29.42 11.03 7.26
N HIS A 205 29.24 11.95 6.33
CA HIS A 205 28.80 13.29 6.71
C HIS A 205 27.34 13.30 7.09
N ALA A 206 26.57 12.44 6.44
CA ALA A 206 25.17 12.32 6.82
C ALA A 206 25.09 11.66 8.18
N ALA A 207 25.92 10.65 8.44
CA ALA A 207 25.91 9.98 9.73
C ALA A 207 26.29 10.95 10.87
N ARG A 208 27.34 11.73 10.66
CA ARG A 208 27.70 12.79 11.59
C ARG A 208 26.53 13.75 11.83
N ALA A 209 25.88 14.17 10.75
CA ALA A 209 24.79 15.13 10.87
C ALA A 209 23.59 14.53 11.61
N LEU A 210 23.32 13.24 11.37
CA LEU A 210 22.22 12.56 12.06
C LEU A 210 22.46 12.38 13.57
N TYR A 211 23.62 11.83 13.94
CA TYR A 211 23.97 11.65 15.35
C TYR A 211 23.93 13.01 16.09
N ARG A 212 24.52 14.04 15.48
CA ARG A 212 24.57 15.36 16.11
C ARG A 212 23.19 16.02 16.23
N ARG A 213 22.47 16.09 15.12
CA ARG A 213 21.17 16.77 15.11
C ARG A 213 20.13 16.06 15.97
N ALA A 214 20.19 14.73 16.04
CA ALA A 214 19.27 14.03 16.91
C ALA A 214 19.48 14.52 18.35
N GLN A 215 20.74 14.67 18.76
CA GLN A 215 21.06 15.09 20.12
C GLN A 215 20.70 16.56 20.34
N GLN A 216 21.00 17.42 19.37
CA GLN A 216 20.59 18.82 19.45
C GLN A 216 19.07 18.98 19.60
N LEU A 217 18.31 18.14 18.92
CA LEU A 217 16.84 18.20 18.99
C LEU A 217 16.23 17.47 20.20
N GLY A 218 17.06 16.75 20.96
CA GLY A 218 16.57 16.02 22.11
C GLY A 218 15.85 14.72 21.75
N ILE A 219 16.15 14.16 20.60
CA ILE A 219 15.56 12.87 20.22
C ILE A 219 16.45 11.75 20.73
N PRO A 220 15.92 10.85 21.57
CA PRO A 220 16.72 9.71 22.08
C PRO A 220 17.28 8.87 20.95
N LEU A 221 18.58 8.59 21.04
CA LEU A 221 19.32 7.77 20.07
C LEU A 221 19.70 6.44 20.70
N ARG A 222 19.49 5.35 19.99
CA ARG A 222 19.94 4.05 20.44
C ARG A 222 20.79 3.41 19.34
N ILE A 223 22.08 3.23 19.63
CA ILE A 223 23.02 2.68 18.66
C ILE A 223 23.36 1.23 18.99
N LEU A 224 22.99 0.32 18.08
CA LEU A 224 23.37 -1.07 18.20
C LEU A 224 24.59 -1.29 17.28
N THR A 225 25.66 -1.82 17.87
CA THR A 225 26.91 -2.02 17.16
C THR A 225 27.13 -3.51 16.83
N LYS A 226 28.12 -3.80 15.99
CA LYS A 226 28.24 -5.15 15.44
C LYS A 226 28.44 -6.24 16.50
N GLU A 227 29.12 -5.89 17.60
CA GLU A 227 29.42 -6.87 18.64
C GLU A 227 28.15 -7.37 19.33
N ALA A 228 27.06 -6.62 19.18
CA ALA A 228 25.82 -7.08 19.77
C ALA A 228 25.32 -8.35 19.08
N ALA A 229 25.61 -8.51 17.79
CA ALA A 229 25.11 -9.64 17.01
C ALA A 229 25.87 -10.95 17.29
N TYR A 230 27.11 -10.82 17.73
CA TYR A 230 28.00 -11.96 17.94
C TYR A 230 27.44 -13.06 18.87
N LYS A 231 27.00 -12.68 20.07
CA LYS A 231 26.37 -13.63 21.00
C LYS A 231 25.09 -14.26 20.45
N ALA A 232 24.36 -13.50 19.65
CA ALA A 232 23.05 -13.95 19.21
C ALA A 232 23.08 -14.47 17.79
N ALA A 233 24.27 -14.81 17.29
CA ALA A 233 24.41 -15.27 15.92
C ALA A 233 23.67 -16.57 15.77
N VAL A 234 23.13 -16.81 14.58
CA VAL A 234 22.28 -17.98 14.33
C VAL A 234 23.01 -18.96 13.42
N PRO A 235 22.62 -20.24 13.50
CA PRO A 235 23.15 -21.29 12.62
C PRO A 235 22.47 -21.31 11.24
N PRO A 236 23.06 -22.04 10.28
CA PRO A 236 22.46 -22.27 8.96
C PRO A 236 21.02 -22.78 9.03
N ALA A 237 20.65 -23.44 10.12
CA ALA A 237 19.30 -23.99 10.27
C ALA A 237 18.21 -22.91 10.35
N PHE A 238 18.58 -21.72 10.81
CA PHE A 238 17.71 -20.55 10.73
C PHE A 238 17.30 -20.34 9.27
N TYR A 239 18.28 -20.36 8.38
CA TYR A 239 18.01 -20.15 6.97
C TYR A 239 17.38 -21.37 6.31
N GLU A 240 17.87 -22.57 6.62
CA GLU A 240 17.29 -23.76 6.03
C GLU A 240 15.82 -23.89 6.43
N GLY A 241 15.53 -23.57 7.68
CA GLY A 241 14.20 -23.60 8.23
C GLY A 241 13.17 -22.69 7.59
N ILE A 242 13.55 -21.44 7.31
CA ILE A 242 12.59 -20.50 6.73
C ILE A 242 12.29 -20.79 5.26
N ALA A 243 13.23 -21.45 4.59
CA ALA A 243 13.09 -21.82 3.20
C ALA A 243 12.38 -23.17 3.04
N ARG A 244 12.33 -23.94 4.13
CA ARG A 244 11.85 -25.32 4.13
C ARG A 244 10.45 -25.51 3.51
N ASN A 245 9.55 -24.55 3.73
CA ASN A 245 8.20 -24.65 3.19
C ASN A 245 8.00 -23.98 1.81
N GLY A 246 9.09 -23.59 1.18
CA GLY A 246 9.02 -23.06 -0.17
C GLY A 246 8.56 -21.60 -0.32
N HIS A 247 8.43 -20.90 0.81
CA HIS A 247 8.19 -19.46 0.76
C HIS A 247 9.29 -18.77 -0.04
N PRO A 248 8.90 -17.98 -1.05
CA PRO A 248 9.90 -17.34 -1.93
C PRO A 248 10.83 -16.38 -1.20
N VAL A 249 10.38 -15.78 -0.09
CA VAL A 249 11.23 -14.87 0.67
C VAL A 249 12.24 -15.66 1.50
N GLY A 250 11.76 -16.73 2.15
CA GLY A 250 12.62 -17.66 2.85
C GLY A 250 13.67 -18.29 1.96
N GLU A 251 13.26 -18.72 0.76
CA GLU A 251 14.16 -19.31 -0.24
C GLU A 251 15.20 -18.30 -0.76
N TYR A 252 14.76 -17.06 -0.98
CA TYR A 252 15.67 -15.97 -1.34
C TYR A 252 16.74 -15.81 -0.27
N LEU A 253 16.31 -15.74 0.99
CA LEU A 253 17.19 -15.49 2.12
C LEU A 253 18.23 -16.60 2.30
N ARG A 254 17.76 -17.84 2.32
CA ARG A 254 18.65 -19.00 2.42
C ARG A 254 19.63 -19.02 1.25
N ASP A 255 19.14 -18.77 0.03
CA ASP A 255 20.03 -18.80 -1.14
C ASP A 255 21.06 -17.68 -1.08
N VAL A 256 20.63 -16.49 -0.66
CA VAL A 256 21.56 -15.35 -0.56
C VAL A 256 22.63 -15.64 0.48
N GLN A 257 22.23 -16.10 1.66
CA GLN A 257 23.21 -16.35 2.70
C GLN A 257 24.17 -17.45 2.27
N LYS A 258 23.62 -18.54 1.75
CA LYS A 258 24.44 -19.70 1.41
C LYS A 258 25.36 -19.42 0.23
N ASN A 259 24.84 -18.78 -0.80
CA ASN A 259 25.66 -18.45 -1.96
C ASN A 259 26.78 -17.47 -1.62
N ALA A 260 26.46 -16.47 -0.80
CA ALA A 260 27.46 -15.51 -0.35
C ALA A 260 28.61 -16.23 0.36
N LEU A 261 28.28 -17.02 1.37
CA LEU A 261 29.30 -17.81 2.09
C LEU A 261 30.07 -18.78 1.17
N LYS A 262 29.37 -19.38 0.21
CA LYS A 262 30.00 -20.25 -0.78
C LYS A 262 31.01 -19.50 -1.66
N GLY A 263 30.60 -18.35 -2.19
CA GLY A 263 31.51 -17.52 -2.99
C GLY A 263 32.74 -17.07 -2.23
N LEU A 264 32.57 -16.81 -0.94
CA LEU A 264 33.66 -16.35 -0.08
C LEU A 264 34.66 -17.49 0.22
N TRP A 265 34.13 -18.65 0.61
CA TRP A 265 34.98 -19.83 0.82
C TRP A 265 35.80 -20.15 -0.44
N GLU A 266 35.12 -20.26 -1.58
CA GLU A 266 35.78 -20.61 -2.83
C GLU A 266 36.80 -19.56 -3.30
N GLY A 267 36.52 -18.30 -3.06
CA GLY A 267 37.42 -17.24 -3.47
C GLY A 267 38.65 -17.24 -2.57
N ILE A 268 38.43 -17.40 -1.28
CA ILE A 268 39.54 -17.54 -0.36
C ILE A 268 40.44 -18.71 -0.76
N GLN A 269 39.83 -19.88 -0.88
CA GLN A 269 40.54 -21.11 -1.27
C GLN A 269 41.38 -20.95 -2.54
N ALA A 270 40.79 -20.44 -3.61
CA ALA A 270 41.49 -20.25 -4.88
C ALA A 270 42.44 -19.05 -4.89
N ASN A 271 42.42 -18.23 -3.84
CA ASN A 271 43.20 -16.98 -3.78
C ASN A 271 42.70 -15.87 -4.70
N LEU A 272 41.47 -16.00 -5.20
CA LEU A 272 40.81 -14.87 -5.87
C LEU A 272 40.60 -13.73 -4.85
N ILE A 273 40.41 -14.11 -3.59
CA ILE A 273 40.32 -13.17 -2.47
C ILE A 273 41.52 -13.41 -1.57
N PRO A 274 42.69 -12.92 -1.97
CA PRO A 274 43.95 -13.26 -1.29
C PRO A 274 44.10 -12.71 0.14
N GLY A 275 43.45 -11.59 0.45
CA GLY A 275 43.62 -10.96 1.75
C GLY A 275 42.98 -11.70 2.91
N LEU A 276 42.25 -12.78 2.62
CA LEU A 276 41.60 -13.56 3.67
C LEU A 276 41.99 -15.04 3.59
N ASP A 277 42.10 -15.72 4.72
CA ASP A 277 42.53 -17.11 4.66
C ASP A 277 41.53 -18.05 5.33
N THR A 278 41.78 -19.36 5.20
CA THR A 278 40.93 -20.36 5.80
C THR A 278 40.75 -20.10 7.29
N ALA A 279 41.85 -19.77 7.97
CA ALA A 279 41.84 -19.51 9.41
C ALA A 279 40.87 -18.40 9.76
N TRP A 280 40.88 -17.33 8.97
CA TRP A 280 39.90 -16.27 9.13
C TRP A 280 38.47 -16.79 8.99
N PHE A 281 38.21 -17.54 7.92
CA PHE A 281 36.85 -18.05 7.66
C PHE A 281 36.36 -18.89 8.84
N PHE A 282 37.26 -19.68 9.41
CA PHE A 282 36.87 -20.57 10.50
C PHE A 282 36.60 -19.86 11.83
N ARG A 283 37.45 -18.88 12.16
CA ARG A 283 37.21 -18.05 13.33
C ARG A 283 35.90 -17.29 13.20
N THR A 284 35.57 -16.91 11.96
CA THR A 284 34.46 -16.01 11.71
C THR A 284 33.11 -16.74 11.70
N PHE A 285 33.09 -17.95 11.15
CA PHE A 285 31.82 -18.64 10.86
C PHE A 285 31.61 -19.97 11.59
N VAL A 286 32.67 -20.52 12.18
CA VAL A 286 32.62 -21.87 12.71
C VAL A 286 32.88 -21.92 14.22
N ALA A 287 34.07 -21.48 14.62
CA ALA A 287 34.49 -21.54 16.01
C ALA A 287 35.63 -20.57 16.27
N GLY A 300 39.78 -26.92 4.77
CA GLY A 300 41.07 -26.46 4.26
C GLY A 300 41.09 -26.55 2.74
N ALA A 301 41.16 -27.77 2.23
CA ALA A 301 41.11 -28.02 0.78
C ALA A 301 39.71 -28.51 0.40
N LEU A 302 38.79 -28.41 1.35
CA LEU A 302 37.42 -28.92 1.23
C LEU A 302 36.53 -28.13 0.27
N SER A 303 35.58 -28.83 -0.33
CA SER A 303 34.48 -28.22 -1.08
C SER A 303 33.46 -27.60 -0.11
N PHE A 304 32.58 -26.74 -0.60
CA PHE A 304 31.71 -25.98 0.30
C PHE A 304 30.63 -26.79 1.00
N ASP A 305 30.16 -27.87 0.37
CA ASP A 305 29.13 -28.69 1.01
C ASP A 305 29.67 -29.41 2.22
N ALA A 306 30.99 -29.39 2.37
CA ALA A 306 31.63 -29.96 3.54
C ALA A 306 31.80 -28.91 4.62
N ILE A 307 31.83 -27.63 4.20
CA ILE A 307 32.03 -26.53 5.13
C ILE A 307 30.70 -26.03 5.72
N TRP A 308 29.66 -25.95 4.89
CA TRP A 308 28.32 -25.49 5.29
C TRP A 308 27.80 -26.13 6.59
N PRO A 309 27.92 -27.47 6.73
CA PRO A 309 27.47 -28.09 7.99
C PRO A 309 28.30 -27.72 9.18
N GLN A 310 29.52 -27.20 8.99
CA GLN A 310 30.32 -26.78 10.13
C GLN A 310 29.98 -25.37 10.61
N VAL A 311 29.32 -24.59 9.76
CA VAL A 311 29.00 -23.19 10.09
C VAL A 311 28.09 -23.12 11.31
N THR A 312 28.45 -22.31 12.31
CA THR A 312 27.61 -22.15 13.50
C THR A 312 27.15 -20.71 13.76
N LYS A 313 27.88 -19.74 13.20
CA LYS A 313 27.65 -18.32 13.52
C LYS A 313 27.33 -17.48 12.29
N LEU A 314 26.08 -17.03 12.20
CA LEU A 314 25.68 -16.10 11.15
C LEU A 314 25.04 -14.88 11.82
N ASN A 315 25.61 -13.71 11.58
CA ASN A 315 25.19 -12.50 12.30
C ASN A 315 23.97 -11.82 11.70
N LEU A 316 23.07 -11.38 12.57
CA LEU A 316 21.86 -10.69 12.14
C LEU A 316 21.79 -9.28 12.73
N TYR A 317 22.61 -8.37 12.21
CA TYR A 317 22.71 -7.02 12.77
C TYR A 317 21.42 -6.21 12.68
N ASP A 318 20.83 -6.19 11.51
CA ASP A 318 19.66 -5.36 11.27
C ASP A 318 18.41 -5.87 12.01
N PRO A 319 18.17 -7.20 12.02
CA PRO A 319 17.02 -7.68 12.79
C PRO A 319 17.11 -7.36 14.29
N LEU A 320 18.30 -7.49 14.87
CA LEU A 320 18.50 -7.18 16.28
C LEU A 320 18.28 -5.69 16.55
N THR A 321 18.66 -4.87 15.58
CA THR A 321 18.40 -3.43 15.64
C THR A 321 16.91 -3.10 15.72
N LEU A 322 16.10 -3.73 14.86
CA LEU A 322 14.65 -3.56 14.97
C LEU A 322 14.13 -4.03 16.33
N LEU A 323 14.66 -5.17 16.83
CA LEU A 323 14.29 -5.65 18.18
C LEU A 323 14.65 -4.67 19.28
N ALA A 324 15.74 -3.93 19.09
CA ALA A 324 16.17 -2.92 20.06
C ALA A 324 15.36 -1.66 19.99
N ALA A 325 14.63 -1.49 18.89
CA ALA A 325 13.84 -0.26 18.65
C ALA A 325 12.45 -0.29 19.27
N LEU A 326 11.90 -1.48 19.51
CA LEU A 326 10.58 -1.59 20.08
C LEU A 326 10.75 -1.88 21.57
N PRO A 327 10.07 -1.10 22.43
CA PRO A 327 10.24 -1.23 23.88
C PRO A 327 9.95 -2.64 24.41
N GLY A 328 8.92 -3.28 23.85
CA GLY A 328 8.54 -4.62 24.27
C GLY A 328 9.58 -5.69 24.01
N THR A 329 10.15 -5.67 22.81
CA THR A 329 11.20 -6.61 22.47
C THR A 329 12.50 -6.27 23.20
N ALA A 330 12.82 -4.98 23.26
CA ALA A 330 14.05 -4.51 23.88
C ALA A 330 14.15 -4.85 25.39
N ARG A 331 13.04 -4.73 26.10
CA ARG A 331 13.02 -5.06 27.52
C ARG A 331 13.31 -6.53 27.72
N LEU A 332 12.87 -7.33 26.76
CA LEU A 332 13.03 -8.76 26.83
C LEU A 332 14.49 -9.22 26.62
N LEU A 333 15.32 -8.42 25.93
CA LEU A 333 16.59 -8.93 25.41
C LEU A 333 17.84 -8.12 25.78
N PHE A 334 17.66 -6.83 26.04
CA PHE A 334 18.77 -5.90 26.20
C PHE A 334 18.69 -5.06 27.47
N GLN A 335 19.85 -4.54 27.87
CA GLN A 335 19.96 -3.49 28.86
C GLN A 335 20.90 -2.45 28.30
N PRO A 336 20.39 -1.46 27.55
CA PRO A 336 21.29 -0.53 26.86
C PRO A 336 22.09 0.30 27.86
N THR A 337 23.31 0.68 27.49
CA THR A 337 24.15 1.51 28.34
C THR A 337 24.07 2.98 27.95
N PRO A 338 23.74 3.85 28.91
CA PRO A 338 23.65 5.28 28.62
C PRO A 338 25.03 5.82 28.29
N MET A 339 25.15 6.78 27.36
CA MET A 339 26.46 7.31 26.97
C MET A 339 26.49 8.83 27.02
N HIS A 340 25.33 9.42 27.26
CA HIS A 340 25.22 10.87 27.23
C HIS A 340 25.70 11.49 28.54
N ARG A 341 26.23 12.70 28.45
CA ARG A 341 26.53 13.55 29.59
C ARG A 341 25.24 13.79 30.39
N GLU A 342 25.35 13.97 31.70
CA GLU A 342 24.18 14.10 32.58
C GLU A 342 23.23 15.22 32.17
N GLY A 343 21.96 14.87 31.96
CA GLY A 343 20.96 15.86 31.60
C GLY A 343 20.94 16.23 30.12
N ALA A 344 21.83 15.65 29.33
CA ALA A 344 21.85 15.90 27.88
C ALA A 344 20.83 15.00 27.18
N SER A 345 20.66 15.20 25.88
CA SER A 345 19.78 14.32 25.11
C SER A 345 20.32 12.88 25.19
N PRO A 346 19.45 11.91 25.50
CA PRO A 346 19.88 10.53 25.78
C PRO A 346 20.50 9.80 24.58
N VAL A 347 21.57 9.04 24.83
CA VAL A 347 22.18 8.18 23.81
C VAL A 347 22.54 6.84 24.43
N GLU A 348 21.99 5.77 23.90
CA GLU A 348 22.25 4.45 24.48
C GLU A 348 23.03 3.58 23.52
N HIS A 349 23.90 2.75 24.08
CA HIS A 349 24.67 1.79 23.30
C HIS A 349 24.18 0.37 23.57
N VAL A 350 23.97 -0.40 22.52
CA VAL A 350 23.77 -1.84 22.69
C VAL A 350 24.93 -2.55 22.02
N GLY A 351 25.87 -3.04 22.83
CA GLY A 351 26.99 -3.83 22.35
C GLY A 351 26.95 -5.25 22.90
N HIS A 352 28.10 -5.92 22.96
CA HIS A 352 28.15 -7.30 23.42
C HIS A 352 27.59 -7.49 24.85
N ALA A 353 27.95 -6.61 25.76
CA ALA A 353 27.55 -6.77 27.16
C ALA A 353 26.10 -6.39 27.38
N GLU A 354 25.52 -5.64 26.46
CA GLU A 354 24.16 -5.13 26.64
C GLU A 354 23.09 -6.10 26.16
N VAL A 355 23.52 -7.15 25.45
CA VAL A 355 22.64 -8.24 25.05
C VAL A 355 22.62 -9.27 26.18
N VAL A 356 21.60 -9.18 27.05
CA VAL A 356 21.60 -9.95 28.29
C VAL A 356 20.95 -11.34 28.17
N ARG A 357 20.05 -11.51 27.19
CA ARG A 357 19.46 -12.82 26.91
C ARG A 357 19.71 -13.23 25.46
N PRO A 358 20.97 -13.51 25.11
CA PRO A 358 21.32 -13.79 23.71
C PRO A 358 20.62 -15.03 23.17
N GLU A 359 20.37 -16.02 24.03
CA GLU A 359 19.73 -17.24 23.57
C GLU A 359 18.22 -17.04 23.35
N LYS A 360 17.61 -16.17 24.15
CA LYS A 360 16.23 -15.79 23.94
C LYS A 360 16.14 -14.99 22.63
N ALA A 361 17.15 -14.14 22.40
CA ALA A 361 17.24 -13.34 21.19
C ALA A 361 17.24 -14.23 19.96
N ARG A 362 18.10 -15.25 20.00
CA ARG A 362 18.23 -16.19 18.90
C ARG A 362 16.91 -16.92 18.65
N LEU A 363 16.24 -17.27 19.74
CA LEU A 363 14.99 -18.01 19.64
C LEU A 363 13.87 -17.10 19.10
N LEU A 364 13.77 -15.89 19.63
CA LEU A 364 12.76 -14.94 19.15
C LEU A 364 12.94 -14.64 17.66
N LEU A 365 14.18 -14.38 17.23
CA LEU A 365 14.46 -14.18 15.81
C LEU A 365 13.94 -15.33 14.97
N SER A 366 14.21 -16.56 15.38
CA SER A 366 13.78 -17.71 14.62
C SER A 366 12.27 -17.86 14.61
N ALA A 367 11.66 -17.67 15.79
CA ALA A 367 10.21 -17.76 15.93
C ALA A 367 9.47 -16.76 15.05
N LEU A 368 9.88 -15.49 15.13
CA LEU A 368 9.26 -14.42 14.33
C LEU A 368 9.37 -14.70 12.83
N ALA A 369 10.56 -15.06 12.39
CA ALA A 369 10.82 -15.30 10.98
C ALA A 369 9.96 -16.45 10.41
N LYS A 370 9.94 -17.57 11.13
CA LYS A 370 9.13 -18.73 10.76
C LYS A 370 7.64 -18.37 10.72
N ALA A 371 7.18 -17.70 11.77
CA ALA A 371 5.78 -17.33 11.86
C ALA A 371 5.36 -16.43 10.69
N ALA A 372 6.22 -15.48 10.33
CA ALA A 372 5.91 -14.52 9.28
C ALA A 372 5.76 -15.18 7.92
N LEU A 373 6.43 -16.30 7.70
CA LEU A 373 6.42 -16.94 6.39
C LEU A 373 5.37 -18.05 6.27
N VAL A 374 4.42 -18.08 7.19
CA VAL A 374 3.36 -19.07 7.13
C VAL A 374 2.22 -18.56 6.25
N THR B 5 3.42 10.48 -31.06
CA THR B 5 2.38 9.59 -31.59
C THR B 5 0.98 9.80 -30.95
N PRO B 6 0.05 10.37 -31.72
CA PRO B 6 -1.25 10.85 -31.20
C PRO B 6 -2.12 9.77 -30.58
N VAL B 7 -2.56 10.02 -29.35
CA VAL B 7 -3.34 9.09 -28.56
C VAL B 7 -4.84 9.37 -28.69
N LEU B 8 -5.18 10.65 -28.82
CA LEU B 8 -6.56 11.10 -28.85
C LEU B 8 -6.94 11.68 -30.21
N THR B 9 -8.22 11.56 -30.56
CA THR B 9 -8.75 12.28 -31.71
C THR B 9 -8.71 13.78 -31.38
N PRO B 10 -8.79 14.65 -32.40
CA PRO B 10 -8.77 16.08 -32.08
C PRO B 10 -9.97 16.55 -31.22
N THR B 11 -11.11 15.90 -31.31
CA THR B 11 -12.24 16.34 -30.49
C THR B 11 -12.10 15.87 -29.03
N GLU B 12 -11.58 14.66 -28.84
CA GLU B 12 -11.24 14.21 -27.49
C GLU B 12 -10.17 15.13 -26.89
N ALA B 13 -9.14 15.43 -27.68
CA ALA B 13 -8.02 16.24 -27.20
C ALA B 13 -8.47 17.64 -26.76
N ALA B 14 -9.31 18.27 -27.56
CA ALA B 14 -9.88 19.57 -27.22
C ALA B 14 -10.57 19.56 -25.85
N VAL B 15 -11.39 18.55 -25.58
CA VAL B 15 -12.13 18.49 -24.31
C VAL B 15 -11.21 18.29 -23.11
N LEU B 16 -10.28 17.34 -23.23
CA LEU B 16 -9.27 17.13 -22.20
C LEU B 16 -8.47 18.40 -21.96
N ARG B 17 -8.14 19.12 -23.03
CA ARG B 17 -7.38 20.35 -22.88
C ARG B 17 -8.18 21.37 -22.07
N GLU B 18 -9.45 21.50 -22.38
CA GLU B 18 -10.33 22.41 -21.66
C GLU B 18 -10.43 22.01 -20.18
N LEU B 19 -10.66 20.73 -19.93
CA LEU B 19 -10.77 20.24 -18.55
C LEU B 19 -9.51 20.58 -17.76
N ARG B 20 -8.37 20.53 -18.44
CA ARG B 20 -7.09 20.78 -17.78
C ARG B 20 -6.90 22.23 -17.36
N LEU B 21 -7.72 23.13 -17.89
CA LEU B 21 -7.74 24.54 -17.46
C LEU B 21 -8.33 24.72 -16.06
N HIS B 22 -8.98 23.68 -15.55
CA HIS B 22 -9.71 23.78 -14.27
C HIS B 22 -9.24 22.81 -13.20
N ARG B 23 -7.93 22.52 -13.15
CA ARG B 23 -7.40 21.64 -12.11
C ARG B 23 -7.59 22.29 -10.77
N PRO B 24 -8.06 21.53 -9.77
CA PRO B 24 -8.18 22.06 -8.41
C PRO B 24 -6.81 22.40 -7.84
N GLN B 25 -6.80 23.16 -6.75
CA GLN B 25 -5.55 23.55 -6.10
C GLN B 25 -4.90 22.31 -5.49
N LEU B 26 -5.72 21.45 -4.92
CA LEU B 26 -5.26 20.17 -4.41
C LEU B 26 -6.14 19.07 -4.95
N PRO B 27 -5.56 17.89 -5.19
CA PRO B 27 -6.43 16.79 -5.60
C PRO B 27 -7.38 16.42 -4.47
N LEU B 28 -8.58 15.94 -4.81
CA LEU B 28 -9.54 15.52 -3.81
C LEU B 28 -9.27 14.07 -3.41
N ASP B 29 -8.92 13.85 -2.15
CA ASP B 29 -8.80 12.47 -1.66
C ASP B 29 -10.14 11.77 -1.75
N THR B 30 -10.13 10.56 -2.31
CA THR B 30 -11.36 9.87 -2.67
C THR B 30 -11.47 8.45 -2.07
N LEU B 31 -12.64 8.19 -1.49
CA LEU B 31 -13.04 6.87 -1.00
C LEU B 31 -14.10 6.34 -1.97
N LEU B 32 -13.88 5.12 -2.48
CA LEU B 32 -14.71 4.58 -3.54
C LEU B 32 -15.34 3.30 -3.07
N PHE B 33 -16.61 3.09 -3.42
CA PHE B 33 -17.34 1.89 -3.04
C PHE B 33 -17.87 1.25 -4.32
N THR B 34 -17.48 0.02 -4.61
CA THR B 34 -17.62 -0.51 -5.95
C THR B 34 -17.87 -2.02 -6.02
N ASP B 35 -18.48 -2.49 -7.10
CA ASP B 35 -18.75 -3.91 -7.29
C ASP B 35 -18.33 -4.42 -8.68
N PRO B 36 -17.02 -4.46 -8.96
CA PRO B 36 -16.54 -4.66 -10.33
C PRO B 36 -16.71 -6.08 -10.90
N ASN B 37 -16.54 -6.18 -12.22
CA ASN B 37 -16.59 -7.42 -12.99
C ASN B 37 -17.96 -8.08 -13.10
N LYS B 38 -18.98 -7.25 -13.15
CA LYS B 38 -20.32 -7.69 -13.52
C LYS B 38 -20.83 -6.81 -14.67
N ASP B 39 -20.99 -5.52 -14.38
CA ASP B 39 -21.13 -4.48 -15.41
C ASP B 39 -19.72 -3.92 -15.63
N PRO B 40 -19.29 -3.77 -16.91
CA PRO B 40 -17.95 -3.21 -17.17
C PRO B 40 -17.72 -1.80 -16.64
N ASP B 41 -18.75 -1.06 -16.29
CA ASP B 41 -18.59 0.37 -16.01
C ASP B 41 -17.75 0.68 -14.74
N ASP B 42 -17.78 -0.21 -13.74
CA ASP B 42 -16.89 -0.05 -12.57
C ASP B 42 -15.42 0.05 -13.00
N VAL B 43 -14.97 -0.87 -13.86
CA VAL B 43 -13.57 -0.87 -14.31
C VAL B 43 -13.23 0.34 -15.19
N VAL B 44 -14.15 0.72 -16.07
CA VAL B 44 -14.06 2.00 -16.78
C VAL B 44 -13.82 3.16 -15.81
N THR B 45 -14.51 3.12 -14.66
CA THR B 45 -14.35 4.17 -13.63
C THR B 45 -12.94 4.19 -13.07
N TYR B 46 -12.38 3.02 -12.76
CA TYR B 46 -11.01 2.97 -12.27
C TYR B 46 -10.07 3.55 -13.35
N THR B 47 -10.39 3.24 -14.60
CA THR B 47 -9.53 3.63 -15.71
C THR B 47 -9.49 5.15 -15.84
N ILE B 48 -10.65 5.79 -15.83
CA ILE B 48 -10.63 7.24 -15.94
C ILE B 48 -10.07 7.92 -14.70
N ALA B 49 -10.19 7.25 -13.55
CA ALA B 49 -9.67 7.79 -12.29
C ALA B 49 -8.15 7.92 -12.35
N LYS B 50 -7.50 6.99 -13.05
CA LYS B 50 -6.05 7.10 -13.23
C LYS B 50 -5.69 8.42 -13.91
N GLN B 51 -6.34 8.73 -15.02
CA GLN B 51 -6.06 9.99 -15.71
C GLN B 51 -6.37 11.20 -14.83
N LEU B 52 -7.52 11.16 -14.16
CA LEU B 52 -7.92 12.24 -13.29
C LEU B 52 -6.88 12.42 -12.18
N GLN B 53 -6.36 11.31 -11.67
CA GLN B 53 -5.34 11.39 -10.63
C GLN B 53 -4.01 11.93 -11.18
N ALA B 54 -3.60 11.47 -12.37
CA ALA B 54 -2.39 11.97 -13.02
C ALA B 54 -2.49 13.48 -13.25
N ASP B 55 -3.69 13.95 -13.61
CA ASP B 55 -3.89 15.38 -13.89
C ASP B 55 -4.14 16.25 -12.65
N GLY B 56 -4.14 15.63 -11.47
CA GLY B 56 -4.26 16.37 -10.23
C GLY B 56 -5.67 16.69 -9.74
N PHE B 57 -6.68 15.97 -10.25
CA PHE B 57 -8.06 16.20 -9.83
C PHE B 57 -8.47 15.43 -8.56
N LEU B 58 -7.94 14.21 -8.41
CA LEU B 58 -8.25 13.37 -7.26
C LEU B 58 -7.05 12.54 -6.87
N ARG B 59 -7.12 11.99 -5.66
CA ARG B 59 -6.18 10.98 -5.21
C ARG B 59 -7.00 9.83 -4.62
N LEU B 60 -6.99 8.70 -5.31
CA LEU B 60 -7.74 7.53 -4.87
C LEU B 60 -6.95 6.76 -3.82
N THR B 61 -7.41 6.84 -2.58
CA THR B 61 -6.66 6.32 -1.44
C THR B 61 -7.19 4.97 -0.99
N ASP B 62 -8.51 4.82 -1.03
CA ASP B 62 -9.17 3.67 -0.43
C ASP B 62 -10.35 3.16 -1.25
N VAL B 63 -10.42 1.85 -1.40
CA VAL B 63 -11.48 1.25 -2.18
C VAL B 63 -12.05 0.07 -1.40
N VAL B 64 -13.36 0.08 -1.19
CA VAL B 64 -14.02 -1.03 -0.48
C VAL B 64 -15.05 -1.65 -1.42
N VAL B 65 -14.96 -2.97 -1.57
CA VAL B 65 -15.68 -3.66 -2.61
C VAL B 65 -16.85 -4.49 -2.04
N THR B 66 -17.98 -4.52 -2.76
CA THR B 66 -19.17 -5.23 -2.33
C THR B 66 -19.74 -6.12 -3.47
N LEU B 67 -20.91 -6.71 -3.20
CA LEU B 67 -21.66 -7.62 -4.09
C LEU B 67 -21.21 -9.09 -4.04
N GLY B 68 -21.98 -9.92 -3.34
CA GLY B 68 -21.67 -11.34 -3.23
C GLY B 68 -21.30 -11.71 -1.81
N ASP B 69 -21.03 -13.00 -1.58
CA ASP B 69 -20.57 -13.44 -0.26
C ASP B 69 -19.13 -12.99 -0.03
N ALA B 70 -18.57 -13.29 1.13
CA ALA B 70 -17.22 -12.82 1.47
C ALA B 70 -16.15 -13.17 0.44
N ASP B 71 -16.12 -14.43 0.01
CA ASP B 71 -15.10 -14.87 -0.94
C ASP B 71 -15.22 -14.19 -2.29
N MET B 72 -16.46 -13.99 -2.75
CA MET B 72 -16.73 -13.27 -4.00
C MET B 72 -16.31 -11.80 -3.93
N ARG B 73 -16.69 -11.14 -2.83
CA ARG B 73 -16.27 -9.76 -2.58
C ARG B 73 -14.75 -9.65 -2.61
N SER B 74 -14.08 -10.67 -2.10
CA SER B 74 -12.62 -10.72 -2.12
C SER B 74 -12.07 -10.95 -3.53
N GLN B 75 -12.80 -11.72 -4.32
CA GLN B 75 -12.40 -11.93 -5.70
C GLN B 75 -12.53 -10.62 -6.46
N ARG B 76 -13.57 -9.85 -6.15
CA ARG B 76 -13.72 -8.53 -6.77
C ARG B 76 -12.64 -7.57 -6.27
N ALA B 77 -12.27 -7.66 -4.99
CA ALA B 77 -11.17 -6.86 -4.45
C ALA B 77 -9.88 -7.14 -5.21
N GLN B 78 -9.54 -8.43 -5.33
CA GLN B 78 -8.33 -8.81 -6.05
C GLN B 78 -8.34 -8.26 -7.47
N LEU B 79 -9.50 -8.32 -8.13
CA LEU B 79 -9.60 -7.82 -9.50
C LEU B 79 -9.40 -6.30 -9.56
N ALA B 80 -10.08 -5.57 -8.68
CA ALA B 80 -9.91 -4.12 -8.60
C ALA B 80 -8.45 -3.75 -8.32
N LYS B 81 -7.85 -4.40 -7.33
CA LYS B 81 -6.46 -4.16 -6.98
C LYS B 81 -5.56 -4.38 -8.20
N GLY B 82 -5.84 -5.45 -8.94
CA GLY B 82 -5.05 -5.83 -10.10
C GLY B 82 -5.15 -4.83 -11.24
N VAL B 83 -6.35 -4.28 -11.43
CA VAL B 83 -6.55 -3.17 -12.35
C VAL B 83 -5.78 -1.92 -11.92
N PHE B 84 -5.81 -1.58 -10.62
CA PHE B 84 -5.05 -0.44 -10.11
C PHE B 84 -3.55 -0.65 -10.32
N ASP B 85 -3.10 -1.89 -10.14
CA ASP B 85 -1.70 -2.26 -10.37
C ASP B 85 -1.31 -1.99 -11.83
N ARG B 86 -2.14 -2.46 -12.74
CA ARG B 86 -1.88 -2.36 -14.17
C ARG B 86 -2.05 -0.93 -14.67
N LEU B 87 -2.68 -0.08 -13.86
CA LEU B 87 -2.84 1.32 -14.21
C LEU B 87 -1.76 2.21 -13.59
N ALA B 88 -0.77 1.60 -12.95
CA ALA B 88 0.26 2.32 -12.19
C ALA B 88 -0.34 3.17 -11.07
N LEU B 89 -1.31 2.62 -10.36
CA LEU B 89 -1.84 3.24 -9.14
C LEU B 89 -1.50 2.36 -7.95
N PRO B 90 -0.21 2.31 -7.56
CA PRO B 90 0.19 1.33 -6.56
C PRO B 90 -0.27 1.66 -5.14
N ASP B 91 -0.63 2.91 -4.88
CA ASP B 91 -0.95 3.32 -3.53
C ASP B 91 -2.36 2.94 -3.06
N VAL B 92 -3.25 2.60 -4.00
CA VAL B 92 -4.64 2.38 -3.63
C VAL B 92 -4.76 1.16 -2.73
N ARG B 93 -5.45 1.33 -1.61
CA ARG B 93 -5.63 0.23 -0.66
C ARG B 93 -7.02 -0.36 -0.79
N VAL B 94 -7.09 -1.63 -1.20
CA VAL B 94 -8.37 -2.23 -1.54
C VAL B 94 -8.78 -3.26 -0.47
N ALA B 95 -10.06 -3.23 -0.09
CA ALA B 95 -10.56 -4.11 0.96
C ALA B 95 -11.96 -4.62 0.59
N ARG B 96 -12.26 -5.87 0.96
CA ARG B 96 -13.60 -6.39 0.78
C ARG B 96 -14.51 -5.86 1.89
N GLY B 97 -15.74 -5.50 1.54
CA GLY B 97 -16.68 -4.99 2.52
C GLY B 97 -17.32 -6.11 3.32
N GLN B 98 -18.27 -5.75 4.17
CA GLN B 98 -18.86 -6.69 5.11
C GLN B 98 -20.05 -7.47 4.51
N ASP B 99 -20.47 -8.53 5.20
CA ASP B 99 -21.65 -9.31 4.78
C ASP B 99 -22.89 -8.43 4.80
N TYR B 100 -23.85 -8.77 3.95
CA TYR B 100 -25.13 -8.05 3.89
C TYR B 100 -26.22 -9.05 3.54
N PRO B 101 -27.50 -8.69 3.74
CA PRO B 101 -28.54 -9.69 3.48
C PRO B 101 -28.74 -10.04 2.00
N MET B 102 -28.86 -11.34 1.74
CA MET B 102 -29.17 -11.87 0.42
C MET B 102 -30.24 -12.96 0.48
N THR B 103 -31.31 -12.79 -0.26
CA THR B 103 -32.25 -13.88 -0.47
C THR B 103 -31.60 -14.96 -1.34
N SER B 104 -32.30 -16.05 -1.58
CA SER B 104 -31.79 -17.10 -2.46
C SER B 104 -31.57 -16.57 -3.88
N THR B 105 -32.56 -15.83 -4.37
CA THR B 105 -32.46 -15.20 -5.69
C THR B 105 -31.32 -14.17 -5.79
N GLN B 106 -31.20 -13.31 -4.77
CA GLN B 106 -30.13 -12.31 -4.73
C GLN B 106 -28.76 -12.98 -4.74
N ALA B 107 -28.62 -14.04 -3.95
CA ALA B 107 -27.38 -14.79 -3.88
C ALA B 107 -26.95 -15.35 -5.24
N ARG B 108 -27.92 -15.78 -6.03
CA ARG B 108 -27.61 -16.26 -7.39
C ARG B 108 -27.12 -15.09 -8.25
N GLU B 109 -27.88 -14.00 -8.25
CA GLU B 109 -27.59 -12.83 -9.08
C GLU B 109 -26.32 -12.07 -8.65
N HIS B 110 -26.13 -11.93 -7.34
CA HIS B 110 -24.97 -11.21 -6.82
C HIS B 110 -23.65 -11.98 -6.94
N SER B 111 -23.70 -13.25 -7.34
CA SER B 111 -22.49 -14.05 -7.42
C SER B 111 -21.82 -13.94 -8.81
N LYS B 112 -22.39 -13.13 -9.68
CA LYS B 112 -21.89 -12.98 -11.05
C LYS B 112 -20.48 -12.36 -11.13
N PHE B 113 -19.56 -13.09 -11.73
CA PHE B 113 -18.16 -12.69 -11.87
C PHE B 113 -17.68 -13.16 -13.25
N LEU B 114 -17.35 -12.21 -14.12
CA LEU B 114 -17.03 -12.55 -15.51
C LEU B 114 -15.67 -13.23 -15.63
N ALA B 115 -15.62 -14.27 -16.46
CA ALA B 115 -14.40 -15.04 -16.66
C ALA B 115 -13.25 -14.17 -17.19
N GLU B 116 -13.57 -13.22 -18.05
CA GLU B 116 -12.54 -12.33 -18.59
C GLU B 116 -11.78 -11.60 -17.49
N GLY B 117 -12.41 -11.41 -16.34
CA GLY B 117 -11.78 -10.72 -15.23
C GLY B 117 -10.77 -11.52 -14.41
N ALA B 118 -10.77 -12.85 -14.54
CA ALA B 118 -9.87 -13.70 -13.76
C ALA B 118 -8.42 -13.27 -13.91
N ALA B 119 -8.03 -12.94 -15.13
CA ALA B 119 -6.65 -12.66 -15.48
C ALA B 119 -6.16 -11.38 -14.81
N LEU B 120 -7.07 -10.49 -14.47
CA LEU B 120 -6.70 -9.20 -13.90
C LEU B 120 -6.50 -9.24 -12.38
N ARG B 121 -6.79 -10.39 -11.76
CA ARG B 121 -6.76 -10.49 -10.30
C ARG B 121 -5.36 -10.40 -9.73
N ALA B 122 -5.19 -9.51 -8.74
CA ALA B 122 -3.96 -9.50 -7.96
C ALA B 122 -4.02 -10.67 -6.99
N ALA B 123 -2.91 -10.96 -6.33
CA ALA B 123 -2.89 -12.03 -5.32
C ALA B 123 -3.77 -11.64 -4.14
N PRO B 124 -4.29 -12.64 -3.41
CA PRO B 124 -5.15 -12.32 -2.25
C PRO B 124 -4.42 -11.55 -1.15
N ASP B 125 -3.11 -11.69 -1.04
CA ASP B 125 -2.38 -10.97 0.01
C ASP B 125 -2.04 -9.52 -0.37
N ALA B 126 -2.48 -9.10 -1.56
CA ALA B 126 -2.38 -7.71 -1.98
C ALA B 126 -3.64 -6.91 -1.56
N VAL B 127 -4.66 -7.61 -1.06
CA VAL B 127 -5.89 -6.94 -0.64
C VAL B 127 -6.25 -7.29 0.80
N HIS B 128 -7.25 -6.60 1.34
CA HIS B 128 -7.61 -6.74 2.74
C HIS B 128 -9.04 -7.26 2.96
N THR B 129 -9.34 -7.59 4.20
CA THR B 129 -10.62 -8.17 4.58
C THR B 129 -11.34 -7.33 5.63
N ASP B 130 -10.76 -6.20 6.04
CA ASP B 130 -11.37 -5.45 7.12
C ASP B 130 -12.21 -4.23 6.72
N GLY B 131 -12.84 -4.30 5.55
CA GLY B 131 -13.83 -3.30 5.15
C GLY B 131 -13.42 -1.83 5.25
N VAL B 132 -14.22 -1.03 5.96
CA VAL B 132 -13.98 0.43 6.05
C VAL B 132 -12.99 0.88 7.15
N ARG B 133 -12.32 -0.06 7.79
CA ARG B 133 -11.39 0.27 8.88
C ARG B 133 -10.33 1.33 8.52
N ALA B 134 -9.64 1.12 7.40
CA ALA B 134 -8.63 2.07 6.94
C ALA B 134 -9.24 3.43 6.57
N MET B 135 -10.43 3.41 5.98
CA MET B 135 -11.17 4.63 5.69
C MET B 135 -11.43 5.44 6.96
N CYS B 136 -11.91 4.79 8.02
CA CYS B 136 -12.11 5.48 9.28
CA CYS B 136 -12.09 5.43 9.31
C CYS B 136 -10.83 6.15 9.77
N GLU B 137 -9.73 5.41 9.78
CA GLU B 137 -8.45 6.00 10.18
C GLU B 137 -8.07 7.18 9.28
N ARG B 138 -8.33 7.02 7.99
CA ARG B 138 -7.95 8.08 7.06
C ARG B 138 -8.75 9.35 7.32
N LEU B 139 -10.05 9.19 7.59
CA LEU B 139 -10.89 10.33 7.97
C LEU B 139 -10.27 11.09 9.15
N ALA B 140 -9.70 10.36 10.09
CA ALA B 140 -9.17 10.97 11.33
C ALA B 140 -7.88 11.77 11.19
N THR B 141 -7.08 11.49 10.16
CA THR B 141 -5.73 12.08 10.08
C THR B 141 -5.52 12.92 8.83
N SER B 142 -6.51 12.92 7.95
CA SER B 142 -6.40 13.66 6.70
C SER B 142 -6.45 15.16 6.99
N PRO B 143 -5.56 15.94 6.34
CA PRO B 143 -5.44 17.39 6.49
C PRO B 143 -6.57 18.13 5.77
N HIS B 144 -7.20 17.47 4.80
CA HIS B 144 -8.28 18.12 4.06
C HIS B 144 -9.49 17.20 3.92
N LYS B 145 -10.65 17.79 3.65
CA LYS B 145 -11.86 17.02 3.51
C LYS B 145 -11.77 16.05 2.31
N LEU B 146 -12.40 14.88 2.46
CA LEU B 146 -12.43 13.86 1.41
C LEU B 146 -13.80 13.78 0.72
N GLY B 147 -13.83 13.19 -0.47
CA GLY B 147 -15.08 12.91 -1.15
C GLY B 147 -15.35 11.42 -1.15
N MET B 148 -16.62 11.05 -0.97
CA MET B 148 -17.02 9.65 -1.05
C MET B 148 -17.75 9.40 -2.35
N VAL B 149 -17.36 8.35 -3.07
CA VAL B 149 -18.01 8.03 -4.34
C VAL B 149 -18.56 6.60 -4.32
N VAL B 150 -19.87 6.48 -4.48
CA VAL B 150 -20.56 5.21 -4.31
C VAL B 150 -21.08 4.73 -5.65
N ILE B 151 -20.54 3.62 -6.14
CA ILE B 151 -20.97 3.08 -7.43
C ILE B 151 -21.41 1.62 -7.31
N ALA B 152 -21.97 1.28 -6.16
CA ALA B 152 -22.46 -0.06 -5.91
C ALA B 152 -23.35 0.01 -4.69
N GLY B 153 -23.77 -1.15 -4.20
CA GLY B 153 -24.54 -1.24 -2.97
C GLY B 153 -23.88 -0.46 -1.85
N MET B 154 -24.66 -0.02 -0.87
CA MET B 154 -24.21 0.97 0.10
C MET B 154 -23.97 0.41 1.49
N THR B 155 -23.86 -0.90 1.58
CA THR B 155 -23.56 -1.58 2.84
C THR B 155 -22.39 -0.92 3.60
N ASP B 156 -21.26 -0.75 2.92
CA ASP B 156 -20.04 -0.28 3.58
C ASP B 156 -19.99 1.24 3.71
N ALA B 157 -20.52 1.93 2.72
CA ALA B 157 -20.63 3.38 2.77
C ALA B 157 -21.51 3.75 3.96
N SER B 158 -22.63 3.03 4.10
CA SER B 158 -23.51 3.25 5.23
C SER B 158 -22.81 2.89 6.55
N ALA B 159 -22.05 1.80 6.54
CA ALA B 159 -21.40 1.35 7.77
C ALA B 159 -20.39 2.38 8.23
N LEU B 160 -19.71 3.01 7.28
CA LEU B 160 -18.71 4.02 7.62
C LEU B 160 -19.36 5.23 8.28
N LEU B 161 -20.47 5.70 7.71
CA LEU B 161 -21.18 6.80 8.35
C LEU B 161 -21.72 6.41 9.74
N ALA B 162 -22.13 5.16 9.89
CA ALA B 162 -22.72 4.70 11.14
C ALA B 162 -21.66 4.55 12.22
N GLU B 163 -20.45 4.13 11.83
CA GLU B 163 -19.33 3.95 12.77
C GLU B 163 -18.54 5.21 13.08
N ALA B 164 -18.40 6.10 12.10
CA ALA B 164 -17.55 7.26 12.28
C ALA B 164 -18.32 8.53 11.94
N GLY B 165 -19.51 8.67 12.53
CA GLY B 165 -20.38 9.80 12.26
C GLY B 165 -19.73 11.16 12.48
N ASP B 166 -19.03 11.31 13.59
CA ASP B 166 -18.44 12.61 13.93
C ASP B 166 -17.30 12.94 12.96
N LEU B 167 -16.54 11.93 12.56
CA LEU B 167 -15.47 12.12 11.57
C LEU B 167 -16.02 12.49 10.19
N VAL B 168 -17.08 11.82 9.76
CA VAL B 168 -17.72 12.14 8.49
C VAL B 168 -18.20 13.60 8.48
N ARG B 169 -18.90 13.99 9.55
CA ARG B 169 -19.41 15.37 9.67
C ARG B 169 -18.34 16.43 9.43
N GLU B 170 -17.15 16.24 10.00
CA GLU B 170 -16.10 17.25 9.86
C GLU B 170 -15.18 17.03 8.66
N LYS B 171 -15.18 15.82 8.08
CA LYS B 171 -14.13 15.47 7.11
C LYS B 171 -14.59 15.03 5.72
N VAL B 172 -15.87 14.83 5.50
CA VAL B 172 -16.34 14.48 4.17
C VAL B 172 -16.98 15.69 3.50
N ALA B 173 -16.42 16.12 2.38
CA ALA B 173 -16.98 17.25 1.62
C ALA B 173 -18.28 16.91 0.90
N SER B 174 -18.36 15.72 0.33
CA SER B 174 -19.50 15.33 -0.48
C SER B 174 -19.67 13.82 -0.51
N ILE B 175 -20.91 13.38 -0.68
CA ILE B 175 -21.19 11.98 -0.98
C ILE B 175 -21.92 11.93 -2.32
N THR B 176 -21.31 11.27 -3.29
CA THR B 176 -21.87 11.23 -4.63
C THR B 176 -22.23 9.78 -4.96
N ILE B 177 -23.47 9.57 -5.40
CA ILE B 177 -24.03 8.23 -5.47
C ILE B 177 -24.66 7.92 -6.82
N MET B 178 -24.33 6.76 -7.38
CA MET B 178 -25.05 6.22 -8.52
C MET B 178 -26.26 5.45 -7.99
N GLY B 179 -27.39 6.14 -7.87
CA GLY B 179 -28.55 5.50 -7.31
C GLY B 179 -29.85 5.97 -7.94
N GLY B 180 -30.78 6.35 -7.08
CA GLY B 180 -32.10 6.77 -7.52
C GLY B 180 -32.87 7.33 -6.34
N ILE B 181 -33.71 8.32 -6.63
CA ILE B 181 -34.47 9.04 -5.62
C ILE B 181 -35.97 8.73 -5.65
N ASP B 182 -36.53 8.38 -4.49
CA ASP B 182 -37.97 8.26 -4.34
C ASP B 182 -38.62 9.65 -4.53
N PRO B 183 -39.71 9.73 -5.33
CA PRO B 183 -40.44 11.00 -5.47
C PRO B 183 -40.93 11.54 -4.11
N ALA B 184 -41.32 10.62 -3.22
CA ALA B 184 -41.80 10.99 -1.88
C ALA B 184 -40.69 11.01 -0.84
N ARG B 185 -40.58 12.12 -0.11
CA ARG B 185 -39.65 12.25 1.00
C ARG B 185 -40.04 11.28 2.12
N ASP B 186 -39.19 11.14 3.13
CA ASP B 186 -39.55 10.29 4.26
C ASP B 186 -40.40 11.06 5.26
N ALA B 187 -40.78 10.39 6.34
CA ALA B 187 -41.64 10.97 7.38
C ALA B 187 -41.15 12.32 7.89
N ASP B 188 -39.83 12.53 7.87
CA ASP B 188 -39.25 13.75 8.43
C ASP B 188 -38.82 14.70 7.32
N GLY B 189 -39.30 14.44 6.12
CA GLY B 189 -39.06 15.32 4.99
C GLY B 189 -37.71 15.15 4.33
N LEU B 190 -37.02 14.04 4.61
CA LEU B 190 -35.71 13.82 3.97
C LEU B 190 -35.81 12.98 2.70
N VAL B 191 -34.91 13.22 1.75
CA VAL B 191 -34.83 12.41 0.53
C VAL B 191 -34.51 10.97 0.91
N GLN B 192 -35.06 10.04 0.16
CA GLN B 192 -34.83 8.63 0.42
C GLN B 192 -34.62 7.90 -0.91
N PRO B 193 -33.89 6.78 -0.87
CA PRO B 193 -33.62 6.05 -2.12
C PRO B 193 -34.93 5.53 -2.77
N ASP B 194 -34.93 5.35 -4.09
CA ASP B 194 -35.97 4.54 -4.71
C ASP B 194 -35.62 3.08 -4.49
N THR B 195 -36.44 2.17 -5.02
CA THR B 195 -36.16 0.76 -4.87
C THR B 195 -35.73 0.15 -6.20
N ARG B 196 -35.84 0.94 -7.26
CA ARG B 196 -35.59 0.48 -8.63
C ARG B 196 -34.09 0.43 -8.99
N ALA B 197 -33.36 1.47 -8.60
CA ALA B 197 -31.90 1.55 -8.81
C ALA B 197 -31.17 0.32 -8.27
N TYR B 198 -30.43 -0.38 -9.12
CA TYR B 198 -29.73 -1.60 -8.71
C TYR B 198 -28.87 -1.41 -7.46
N ASN B 199 -28.25 -0.24 -7.34
CA ASN B 199 -27.35 -0.01 -6.20
C ASN B 199 -28.10 0.18 -4.87
N ASN B 200 -29.29 0.76 -4.94
CA ASN B 200 -30.17 0.81 -3.77
C ASN B 200 -30.64 -0.59 -3.39
N ALA B 201 -31.02 -1.37 -4.38
CA ALA B 201 -31.63 -2.68 -4.14
C ALA B 201 -30.65 -3.75 -3.70
N THR B 202 -29.35 -3.50 -3.89
CA THR B 202 -28.33 -4.43 -3.41
C THR B 202 -28.47 -4.66 -1.91
N ASP B 203 -28.73 -3.57 -1.19
CA ASP B 203 -28.93 -3.59 0.25
C ASP B 203 -29.78 -2.34 0.56
N ILE B 204 -31.10 -2.48 0.49
CA ILE B 204 -32.00 -1.32 0.56
C ILE B 204 -32.00 -0.66 1.94
N HIS B 205 -31.88 -1.46 2.99
CA HIS B 205 -31.76 -0.96 4.36
C HIS B 205 -30.54 -0.04 4.48
N ALA B 206 -29.40 -0.53 4.01
CA ALA B 206 -28.17 0.26 4.05
C ALA B 206 -28.28 1.50 3.16
N ALA B 207 -28.99 1.37 2.04
CA ALA B 207 -29.24 2.51 1.17
C ALA B 207 -30.07 3.59 1.88
N ARG B 208 -31.18 3.17 2.49
CA ARG B 208 -31.99 4.08 3.26
C ARG B 208 -31.16 4.73 4.37
N ALA B 209 -30.40 3.92 5.09
CA ALA B 209 -29.59 4.44 6.18
C ALA B 209 -28.56 5.47 5.71
N LEU B 210 -27.92 5.23 4.57
CA LEU B 210 -26.92 6.15 4.03
C LEU B 210 -27.49 7.50 3.59
N TYR B 211 -28.56 7.46 2.79
CA TYR B 211 -29.18 8.68 2.28
C TYR B 211 -29.62 9.52 3.47
N ARG B 212 -30.28 8.86 4.42
CA ARG B 212 -30.74 9.52 5.63
C ARG B 212 -29.57 10.13 6.39
N ARG B 213 -28.57 9.31 6.70
CA ARG B 213 -27.49 9.76 7.57
C ARG B 213 -26.67 10.88 6.94
N ALA B 214 -26.52 10.84 5.62
CA ALA B 214 -25.83 11.89 4.89
C ALA B 214 -26.48 13.24 5.21
N GLN B 215 -27.80 13.31 5.05
CA GLN B 215 -28.57 14.52 5.34
C GLN B 215 -28.49 14.89 6.84
N GLN B 216 -28.69 13.92 7.71
CA GLN B 216 -28.53 14.16 9.16
C GLN B 216 -27.20 14.82 9.52
N LEU B 217 -26.12 14.40 8.86
CA LEU B 217 -24.79 14.92 9.21
C LEU B 217 -24.38 16.13 8.39
N GLY B 218 -25.30 16.65 7.58
CA GLY B 218 -25.07 17.87 6.84
C GLY B 218 -24.05 17.77 5.72
N ILE B 219 -23.95 16.57 5.13
CA ILE B 219 -23.00 16.34 4.03
C ILE B 219 -23.71 16.49 2.70
N PRO B 220 -23.19 17.35 1.81
CA PRO B 220 -23.79 17.48 0.48
C PRO B 220 -23.92 16.12 -0.21
N LEU B 221 -25.13 15.84 -0.67
CA LEU B 221 -25.48 14.56 -1.22
C LEU B 221 -25.90 14.75 -2.68
N ARG B 222 -25.26 14.02 -3.59
CA ARG B 222 -25.52 14.14 -5.01
C ARG B 222 -25.79 12.77 -5.62
N ILE B 223 -27.01 12.60 -6.17
CA ILE B 223 -27.43 11.33 -6.71
C ILE B 223 -27.45 11.38 -8.25
N LEU B 224 -26.76 10.44 -8.89
CA LEU B 224 -26.76 10.34 -10.36
C LEU B 224 -27.51 9.08 -10.72
N THR B 225 -28.46 9.22 -11.66
CA THR B 225 -29.43 8.17 -11.90
C THR B 225 -29.22 7.53 -13.26
N LYS B 226 -29.79 6.34 -13.43
CA LYS B 226 -29.66 5.59 -14.69
C LYS B 226 -30.08 6.46 -15.89
N GLU B 227 -31.04 7.36 -15.69
CA GLU B 227 -31.51 8.24 -16.74
C GLU B 227 -30.41 9.17 -17.23
N ALA B 228 -29.50 9.56 -16.35
CA ALA B 228 -28.36 10.36 -16.76
C ALA B 228 -27.45 9.52 -17.66
N ALA B 229 -27.20 8.27 -17.28
CA ALA B 229 -26.31 7.40 -18.04
C ALA B 229 -26.89 7.12 -19.41
N TYR B 230 -28.21 6.94 -19.45
CA TYR B 230 -28.92 6.70 -20.71
C TYR B 230 -28.65 7.83 -21.70
N LYS B 231 -28.70 9.06 -21.22
CA LYS B 231 -28.56 10.21 -22.09
C LYS B 231 -27.17 10.36 -22.73
N ALA B 232 -26.17 9.80 -22.07
CA ALA B 232 -24.80 9.87 -22.60
C ALA B 232 -24.30 8.47 -22.94
N ALA B 233 -25.24 7.57 -23.24
CA ALA B 233 -24.90 6.21 -23.66
C ALA B 233 -23.96 6.28 -24.85
N VAL B 234 -23.09 5.28 -24.96
CA VAL B 234 -22.05 5.26 -25.97
C VAL B 234 -22.22 4.01 -26.82
N PRO B 235 -21.78 4.07 -28.08
CA PRO B 235 -21.91 2.91 -28.94
C PRO B 235 -20.87 1.87 -28.56
N PRO B 236 -21.09 0.61 -28.91
CA PRO B 236 -20.09 -0.42 -28.62
C PRO B 236 -18.72 -0.10 -29.24
N ALA B 237 -18.70 0.75 -30.27
CA ALA B 237 -17.45 1.15 -30.89
C ALA B 237 -16.56 1.93 -29.93
N PHE B 238 -17.17 2.50 -28.90
CA PHE B 238 -16.46 3.21 -27.81
C PHE B 238 -15.25 2.39 -27.30
N TYR B 239 -15.46 1.09 -27.17
CA TYR B 239 -14.43 0.19 -26.66
C TYR B 239 -13.47 -0.29 -27.74
N GLU B 240 -13.85 -0.14 -29.02
CA GLU B 240 -12.92 -0.42 -30.10
C GLU B 240 -11.74 0.57 -30.06
N GLY B 241 -12.05 1.86 -29.89
CA GLY B 241 -11.03 2.88 -29.69
C GLY B 241 -10.47 2.85 -28.27
N GLY B 246 -2.60 -1.48 -26.87
CA GLY B 246 -2.40 -2.84 -26.38
C GLY B 246 -2.45 -3.09 -24.87
N HIS B 247 -3.04 -2.16 -24.11
CA HIS B 247 -3.10 -2.26 -22.63
C HIS B 247 -4.02 -3.39 -22.15
N PRO B 248 -3.56 -4.19 -21.18
CA PRO B 248 -4.33 -5.32 -20.63
C PRO B 248 -5.70 -4.97 -20.04
N VAL B 249 -5.83 -3.81 -19.40
CA VAL B 249 -7.11 -3.38 -18.86
C VAL B 249 -7.98 -2.98 -20.04
N GLY B 250 -7.35 -2.40 -21.06
CA GLY B 250 -8.04 -2.05 -22.29
C GLY B 250 -8.57 -3.27 -23.03
N GLU B 251 -7.74 -4.31 -23.09
CA GLU B 251 -8.13 -5.58 -23.73
C GLU B 251 -9.33 -6.19 -23.04
N TYR B 252 -9.29 -6.21 -21.70
CA TYR B 252 -10.42 -6.61 -20.88
C TYR B 252 -11.69 -5.84 -21.24
N LEU B 253 -11.59 -4.52 -21.22
CA LEU B 253 -12.75 -3.66 -21.47
C LEU B 253 -13.39 -3.92 -22.85
N ARG B 254 -12.59 -4.08 -23.89
CA ARG B 254 -13.18 -4.36 -25.20
C ARG B 254 -13.68 -5.80 -25.29
N ASP B 255 -12.93 -6.72 -24.69
CA ASP B 255 -13.24 -8.14 -24.81
C ASP B 255 -14.44 -8.63 -23.99
N VAL B 256 -14.84 -7.87 -22.98
CA VAL B 256 -15.79 -8.38 -21.99
C VAL B 256 -17.22 -7.95 -22.28
N GLN B 257 -17.38 -6.94 -23.12
CA GLN B 257 -18.66 -6.28 -23.35
C GLN B 257 -19.81 -7.22 -23.71
N LYS B 258 -19.55 -8.12 -24.64
CA LYS B 258 -20.59 -9.06 -25.08
C LYS B 258 -21.06 -9.95 -23.92
N ASN B 259 -20.13 -10.71 -23.34
CA ASN B 259 -20.48 -11.65 -22.28
C ASN B 259 -21.01 -10.98 -21.02
N ALA B 260 -20.59 -9.74 -20.78
CA ALA B 260 -21.14 -8.94 -19.69
C ALA B 260 -22.61 -8.68 -19.99
N LEU B 261 -22.91 -8.20 -21.18
CA LEU B 261 -24.30 -7.94 -21.55
C LEU B 261 -25.09 -9.24 -21.60
N LYS B 262 -24.43 -10.30 -22.06
CA LYS B 262 -25.05 -11.63 -22.12
C LYS B 262 -25.47 -12.08 -20.73
N GLY B 263 -24.59 -11.83 -19.76
CA GLY B 263 -24.88 -12.14 -18.37
C GLY B 263 -26.12 -11.44 -17.85
N LEU B 264 -26.30 -10.17 -18.22
CA LEU B 264 -27.47 -9.42 -17.80
C LEU B 264 -28.73 -10.06 -18.38
N TRP B 265 -28.74 -10.24 -19.69
CA TRP B 265 -29.87 -10.85 -20.40
C TRP B 265 -30.31 -12.14 -19.74
N GLU B 266 -29.34 -13.00 -19.42
CA GLU B 266 -29.62 -14.27 -18.77
C GLU B 266 -30.19 -14.10 -17.36
N GLY B 267 -29.88 -12.99 -16.71
CA GLY B 267 -30.41 -12.69 -15.39
C GLY B 267 -31.87 -12.30 -15.44
N ILE B 268 -32.24 -11.61 -16.52
CA ILE B 268 -33.61 -11.14 -16.69
C ILE B 268 -34.55 -12.29 -17.06
N GLN B 269 -34.04 -13.24 -17.83
CA GLN B 269 -34.83 -14.41 -18.22
C GLN B 269 -35.12 -15.30 -17.03
N ALA B 270 -34.13 -15.42 -16.13
CA ALA B 270 -34.30 -16.19 -14.91
C ALA B 270 -35.02 -15.37 -13.85
N ASN B 271 -35.40 -14.15 -14.21
CA ASN B 271 -36.05 -13.20 -13.30
C ASN B 271 -35.32 -13.07 -11.98
N LEU B 272 -34.06 -12.63 -12.06
CA LEU B 272 -33.24 -12.47 -10.88
C LEU B 272 -33.06 -11.00 -10.52
N ILE B 273 -33.70 -10.11 -11.28
CA ILE B 273 -33.59 -8.67 -11.04
C ILE B 273 -34.93 -7.96 -11.11
N PRO B 274 -35.49 -7.59 -9.95
CA PRO B 274 -36.78 -6.89 -9.94
C PRO B 274 -36.72 -5.55 -10.68
N GLY B 275 -37.68 -5.35 -11.60
CA GLY B 275 -37.77 -4.11 -12.33
C GLY B 275 -37.29 -4.22 -13.77
N LEU B 276 -36.63 -5.33 -14.09
CA LEU B 276 -36.10 -5.50 -15.44
C LEU B 276 -36.87 -6.57 -16.20
N ASP B 277 -37.25 -6.23 -17.44
CA ASP B 277 -37.92 -7.18 -18.32
C ASP B 277 -37.22 -7.21 -19.68
N THR B 278 -37.63 -8.14 -20.54
CA THR B 278 -37.03 -8.27 -21.85
C THR B 278 -37.26 -7.00 -22.68
N ALA B 279 -38.40 -6.36 -22.48
CA ALA B 279 -38.75 -5.12 -23.16
C ALA B 279 -37.83 -3.97 -22.80
N TRP B 280 -37.52 -3.84 -21.52
CA TRP B 280 -36.60 -2.82 -21.04
C TRP B 280 -35.20 -2.96 -21.69
N PHE B 281 -34.70 -4.19 -21.71
CA PHE B 281 -33.42 -4.50 -22.34
C PHE B 281 -33.32 -3.93 -23.76
N PHE B 282 -34.39 -4.05 -24.54
CA PHE B 282 -34.33 -3.63 -25.93
C PHE B 282 -34.41 -2.11 -26.12
N ARG B 283 -35.15 -1.43 -25.24
CA ARG B 283 -35.18 0.04 -25.24
C ARG B 283 -33.81 0.62 -24.87
N THR B 284 -33.13 -0.04 -23.94
CA THR B 284 -31.92 0.51 -23.34
C THR B 284 -30.68 0.24 -24.20
N PHE B 285 -30.57 -0.96 -24.73
CA PHE B 285 -29.37 -1.38 -25.43
C PHE B 285 -29.52 -1.45 -26.96
N VAL B 286 -30.76 -1.50 -27.46
CA VAL B 286 -31.00 -1.70 -28.90
C VAL B 286 -31.71 -0.54 -29.61
N ALA B 287 -32.86 -0.12 -29.08
CA ALA B 287 -33.67 0.98 -29.65
C ALA B 287 -32.84 2.21 -30.07
N PHE B 304 -28.41 -15.34 -27.66
CA PHE B 304 -27.86 -14.00 -27.49
C PHE B 304 -26.86 -13.69 -28.59
N ASP B 305 -26.46 -14.72 -29.35
CA ASP B 305 -25.56 -14.51 -30.48
C ASP B 305 -26.24 -13.68 -31.56
N ALA B 306 -27.57 -13.64 -31.51
CA ALA B 306 -28.37 -12.89 -32.46
C ALA B 306 -28.88 -11.58 -31.87
N ILE B 307 -28.62 -11.36 -30.59
CA ILE B 307 -29.04 -10.12 -29.92
C ILE B 307 -27.87 -9.13 -29.88
N TRP B 308 -26.69 -9.63 -29.51
CA TRP B 308 -25.48 -8.82 -29.45
C TRP B 308 -25.24 -7.90 -30.66
N PRO B 309 -25.26 -8.45 -31.90
CA PRO B 309 -24.98 -7.54 -33.03
C PRO B 309 -26.01 -6.41 -33.19
N GLN B 310 -27.13 -6.48 -32.46
CA GLN B 310 -28.16 -5.45 -32.53
C GLN B 310 -27.99 -4.36 -31.48
N VAL B 311 -27.03 -4.56 -30.57
CA VAL B 311 -26.76 -3.59 -29.53
C VAL B 311 -26.19 -2.30 -30.11
N THR B 312 -26.77 -1.17 -29.72
CA THR B 312 -26.35 0.14 -30.23
C THR B 312 -25.95 1.12 -29.13
N LYS B 313 -26.22 0.73 -27.87
CA LYS B 313 -26.01 1.61 -26.71
C LYS B 313 -25.50 0.88 -25.48
N LEU B 314 -24.51 1.47 -24.83
CA LEU B 314 -23.99 0.99 -23.55
C LEU B 314 -23.92 2.16 -22.56
N ASN B 315 -24.18 1.88 -21.29
CA ASN B 315 -24.28 2.94 -20.29
C ASN B 315 -23.08 2.97 -19.35
N LEU B 316 -22.53 4.16 -19.15
CA LEU B 316 -21.40 4.37 -18.27
C LEU B 316 -21.87 5.04 -16.98
N TYR B 317 -22.71 4.33 -16.21
CA TYR B 317 -23.30 4.88 -14.99
C TYR B 317 -22.21 5.39 -14.05
N ASP B 318 -21.26 4.51 -13.75
CA ASP B 318 -20.23 4.82 -12.75
C ASP B 318 -19.19 5.90 -13.12
N PRO B 319 -18.61 5.84 -14.33
CA PRO B 319 -17.72 6.94 -14.76
C PRO B 319 -18.36 8.32 -14.68
N LEU B 320 -19.64 8.45 -15.07
CA LEU B 320 -20.35 9.73 -15.00
C LEU B 320 -20.54 10.15 -13.55
N THR B 321 -20.74 9.17 -12.69
CA THR B 321 -20.91 9.44 -11.26
C THR B 321 -19.63 10.05 -10.68
N LEU B 322 -18.48 9.47 -11.03
CA LEU B 322 -17.19 10.05 -10.62
C LEU B 322 -16.99 11.45 -11.20
N LEU B 323 -17.40 11.63 -12.45
CA LEU B 323 -17.34 12.96 -13.06
C LEU B 323 -18.29 13.94 -12.34
N ALA B 324 -19.39 13.43 -11.82
CA ALA B 324 -20.30 14.27 -11.05
C ALA B 324 -19.74 14.60 -9.66
N ALA B 325 -18.76 13.82 -9.22
CA ALA B 325 -18.23 13.95 -7.86
C ALA B 325 -17.15 15.03 -7.73
N LEU B 326 -16.58 15.45 -8.85
CA LEU B 326 -15.49 16.44 -8.82
C LEU B 326 -15.97 17.72 -9.46
N PRO B 327 -15.68 18.87 -8.83
CA PRO B 327 -16.09 20.20 -9.31
C PRO B 327 -15.66 20.51 -10.75
N GLY B 328 -14.42 20.23 -11.09
CA GLY B 328 -13.87 20.55 -12.40
C GLY B 328 -14.60 19.84 -13.53
N THR B 329 -14.83 18.54 -13.38
CA THR B 329 -15.50 17.78 -14.42
C THR B 329 -17.00 18.03 -14.43
N ALA B 330 -17.60 18.17 -13.24
CA ALA B 330 -19.04 18.33 -13.09
C ALA B 330 -19.54 19.60 -13.78
N ARG B 331 -18.83 20.71 -13.57
CA ARG B 331 -19.18 21.99 -14.18
C ARG B 331 -19.09 22.00 -15.72
N LEU B 332 -18.40 21.02 -16.31
CA LEU B 332 -18.29 20.98 -17.75
C LEU B 332 -19.47 20.26 -18.38
N LEU B 333 -20.18 19.49 -17.57
CA LEU B 333 -21.08 18.50 -18.12
C LEU B 333 -22.49 18.56 -17.55
N PHE B 334 -22.61 18.92 -16.28
CA PHE B 334 -23.90 18.80 -15.61
C PHE B 334 -24.43 20.15 -15.08
N GLN B 335 -25.73 20.20 -14.90
CA GLN B 335 -26.38 21.23 -14.06
C GLN B 335 -27.24 20.52 -13.04
N PRO B 336 -26.64 20.14 -11.90
CA PRO B 336 -27.39 19.43 -10.88
C PRO B 336 -28.53 20.27 -10.31
N THR B 337 -29.69 19.66 -10.14
CA THR B 337 -30.85 20.34 -9.59
C THR B 337 -31.05 19.97 -8.12
N PRO B 338 -31.16 20.97 -7.25
CA PRO B 338 -31.32 20.81 -5.79
C PRO B 338 -32.63 20.14 -5.38
N MET B 339 -32.68 19.61 -4.16
CA MET B 339 -33.92 19.13 -3.56
C MET B 339 -33.90 19.35 -2.04
N SER B 345 -29.69 21.03 4.10
CA SER B 345 -28.61 20.12 3.75
C SER B 345 -28.71 19.71 2.29
N PRO B 346 -27.81 20.23 1.44
CA PRO B 346 -27.91 20.14 -0.03
C PRO B 346 -28.05 18.70 -0.53
N VAL B 347 -29.13 18.43 -1.25
CA VAL B 347 -29.31 17.15 -1.93
C VAL B 347 -29.61 17.41 -3.41
N GLU B 348 -28.73 16.94 -4.29
CA GLU B 348 -28.86 17.20 -5.72
C GLU B 348 -29.08 15.94 -6.55
N HIS B 349 -29.81 16.13 -7.64
CA HIS B 349 -30.18 15.05 -8.55
C HIS B 349 -29.52 15.32 -9.90
N VAL B 350 -28.97 14.27 -10.50
CA VAL B 350 -28.50 14.35 -11.88
C VAL B 350 -29.12 13.21 -12.67
N GLY B 351 -30.15 13.55 -13.44
CA GLY B 351 -30.79 12.59 -14.32
C GLY B 351 -30.72 13.07 -15.75
N HIS B 352 -31.72 12.69 -16.54
CA HIS B 352 -31.76 13.01 -17.98
C HIS B 352 -31.53 14.49 -18.28
N ALA B 353 -32.33 15.35 -17.66
CA ALA B 353 -32.28 16.77 -17.96
C ALA B 353 -31.03 17.48 -17.45
N GLU B 354 -30.39 16.88 -16.44
CA GLU B 354 -29.21 17.51 -15.82
C GLU B 354 -27.89 17.28 -16.58
N VAL B 355 -27.85 16.26 -17.43
CA VAL B 355 -26.73 16.06 -18.33
C VAL B 355 -26.91 17.02 -19.49
N VAL B 356 -26.31 18.21 -19.40
CA VAL B 356 -26.54 19.26 -20.40
C VAL B 356 -25.64 19.15 -21.62
N ARG B 357 -24.46 18.54 -21.47
CA ARG B 357 -23.57 18.34 -22.61
C ARG B 357 -23.23 16.85 -22.79
N PRO B 358 -24.19 16.06 -23.30
CA PRO B 358 -24.01 14.61 -23.39
C PRO B 358 -22.84 14.19 -24.27
N GLU B 359 -22.71 14.81 -25.45
CA GLU B 359 -21.62 14.45 -26.34
C GLU B 359 -20.27 14.78 -25.70
N LYS B 360 -20.17 15.98 -25.13
CA LYS B 360 -18.96 16.39 -24.42
C LYS B 360 -18.55 15.33 -23.38
N ALA B 361 -19.54 14.75 -22.71
CA ALA B 361 -19.29 13.72 -21.71
C ALA B 361 -18.75 12.44 -22.36
N ARG B 362 -19.33 12.06 -23.51
CA ARG B 362 -18.84 10.90 -24.23
C ARG B 362 -17.38 11.10 -24.64
N LEU B 363 -17.07 12.31 -25.12
CA LEU B 363 -15.72 12.67 -25.56
C LEU B 363 -14.71 12.70 -24.41
N LEU B 364 -15.08 13.34 -23.31
CA LEU B 364 -14.21 13.37 -22.14
C LEU B 364 -13.93 11.96 -21.64
N LEU B 365 -14.97 11.16 -21.53
CA LEU B 365 -14.84 9.79 -21.06
C LEU B 365 -13.92 8.97 -21.96
N SER B 366 -14.05 9.18 -23.27
CA SER B 366 -13.15 8.54 -24.21
C SER B 366 -11.73 9.03 -23.96
N ALA B 367 -11.59 10.36 -23.88
CA ALA B 367 -10.29 10.99 -23.73
C ALA B 367 -9.57 10.51 -22.47
N LEU B 368 -10.29 10.51 -21.35
CA LEU B 368 -9.70 10.11 -20.08
C LEU B 368 -9.28 8.65 -20.13
N ALA B 369 -10.13 7.77 -20.65
CA ALA B 369 -9.81 6.34 -20.66
C ALA B 369 -8.67 5.99 -21.61
N LYS B 370 -8.64 6.62 -22.79
CA LYS B 370 -7.56 6.37 -23.75
C LYS B 370 -6.22 6.90 -23.24
N ALA B 371 -6.23 8.08 -22.64
CA ALA B 371 -4.99 8.64 -22.09
C ALA B 371 -4.47 7.79 -20.93
N ALA B 372 -5.37 7.26 -20.13
CA ALA B 372 -4.97 6.50 -18.94
C ALA B 372 -4.30 5.19 -19.34
N LEU B 373 -4.74 4.64 -20.46
CA LEU B 373 -4.32 3.31 -20.90
C LEU B 373 -3.01 3.30 -21.72
N VAL B 374 -2.39 4.46 -21.90
CA VAL B 374 -1.13 4.54 -22.65
C VAL B 374 0.00 3.73 -22.02
#